data_4A1F
#
_entry.id   4A1F
#
_cell.length_a   100.859
_cell.length_b   102.164
_cell.length_c   85.141
_cell.angle_alpha   90.00
_cell.angle_beta   90.00
_cell.angle_gamma   90.00
#
_symmetry.space_group_name_H-M   'P 21 21 2'
#
loop_
_entity.id
_entity.type
_entity.pdbx_description
1 polymer 'REPLICATIVE DNA HELICASE'
2 non-polymer 'CITRATE ANION'
3 water water
#
_entity_poly.entity_id   1
_entity_poly.type   'polypeptide(L)'
_entity_poly.pdbx_seq_one_letter_code
;ARNIKEVLESAMDLITENQRKGSLEVTGIPTGFVQLDNYTSGFNKGSLVIIGARPSMGKTSLMMNMVLSALNDDRGVAVF
SLEMSAEQLALRALSDLTSINMHDLESGRLDDDQWENLAKCFDHLSQKKLFFYDKSYVRIEQIRLQLRKLKSQHKELGIA
FIDYLQLMSGSKATKERHEQIAEISRELKTLARELEIPIIALVQLNRSLENRDDKRPILSDIKDSGGIEQDADIVLFLYR
GYIYQMRAEDNKIDKLKKEGKIEEAQELYLKVNEERRIHKQNGSIEEAEIIVAKNRNGATGTVYTRFNAPFTRYEDMPID
SHLEEGQETKVDYDIVTT
;
_entity_poly.pdbx_strand_id   A,B
#
loop_
_chem_comp.id
_chem_comp.type
_chem_comp.name
_chem_comp.formula
FLC non-polymer 'CITRATE ANION' 'C6 H5 O7 -3'
#
# COMPACT_ATOMS: atom_id res chain seq x y z
N ALA A 1 56.30 15.92 3.01
CA ALA A 1 55.63 17.14 3.45
C ALA A 1 54.43 16.78 4.31
N ARG A 2 53.42 16.18 3.69
CA ARG A 2 52.30 15.67 4.43
C ARG A 2 52.63 14.27 4.91
N ASN A 3 52.38 14.04 6.20
CA ASN A 3 52.78 12.80 6.85
C ASN A 3 51.82 11.63 6.60
N ILE A 4 52.21 10.42 7.03
CA ILE A 4 51.51 9.17 6.68
C ILE A 4 50.05 9.06 7.21
N LYS A 5 49.78 9.80 8.28
CA LYS A 5 48.46 9.88 8.90
C LYS A 5 47.51 10.75 8.06
N GLU A 6 48.04 11.86 7.56
CA GLU A 6 47.26 12.75 6.69
C GLU A 6 46.89 12.02 5.38
N VAL A 7 47.87 11.30 4.82
CA VAL A 7 47.69 10.51 3.61
C VAL A 7 46.71 9.35 3.80
N LEU A 8 46.87 8.60 4.90
CA LEU A 8 46.03 7.44 5.18
C LEU A 8 44.57 7.84 5.37
N GLU A 9 44.32 8.79 6.25
CA GLU A 9 42.97 9.26 6.48
C GLU A 9 42.34 9.68 5.15
N SER A 10 43.14 10.26 4.28
CA SER A 10 42.68 10.72 2.97
C SER A 10 42.41 9.55 2.03
N ALA A 11 43.27 8.54 2.09
CA ALA A 11 43.08 7.32 1.31
C ALA A 11 41.84 6.58 1.81
N MET A 12 41.64 6.59 3.12
CA MET A 12 40.43 6.01 3.67
C MET A 12 39.20 6.74 3.13
N ASP A 13 39.27 8.07 3.09
CA ASP A 13 38.18 8.88 2.55
C ASP A 13 37.91 8.54 1.09
N LEU A 14 38.96 8.19 0.36
CA LEU A 14 38.83 7.82 -1.03
C LEU A 14 37.95 6.58 -1.18
N ILE A 15 38.29 5.51 -0.47
CA ILE A 15 37.54 4.27 -0.63
C ILE A 15 36.14 4.37 -0.04
N THR A 16 35.99 5.12 1.05
CA THR A 16 34.67 5.34 1.63
C THR A 16 33.79 6.06 0.61
N GLU A 17 34.41 6.98 -0.13
CA GLU A 17 33.70 7.73 -1.15
C GLU A 17 33.30 6.82 -2.31
N ASN A 18 34.23 5.97 -2.74
CA ASN A 18 33.92 4.95 -3.74
C ASN A 18 32.80 4.05 -3.25
N GLN A 19 32.87 3.68 -1.98
CA GLN A 19 31.87 2.83 -1.36
C GLN A 19 30.51 3.50 -1.45
N ARG A 20 30.45 4.75 -1.02
CA ARG A 20 29.22 5.55 -1.13
C ARG A 20 28.73 5.51 -2.57
N LYS A 21 29.64 5.83 -3.49
CA LYS A 21 29.33 5.93 -4.90
C LYS A 21 28.74 4.63 -5.46
N GLY A 22 29.24 3.50 -4.97
CA GLY A 22 28.84 2.20 -5.50
C GLY A 22 27.79 1.47 -4.67
N SER A 23 27.17 2.19 -3.74
CA SER A 23 26.28 1.58 -2.74
C SER A 23 24.90 1.18 -3.27
N LEU A 24 24.41 1.87 -4.28
CA LEU A 24 23.10 1.53 -4.84
C LEU A 24 23.26 0.63 -6.06
N GLU A 25 24.47 0.13 -6.24
CA GLU A 25 24.80 -0.74 -7.35
C GLU A 25 24.14 -2.10 -7.17
N VAL A 26 23.67 -2.68 -8.28
CA VAL A 26 23.09 -4.01 -8.23
C VAL A 26 24.17 -5.06 -8.43
N THR A 27 24.55 -5.74 -7.36
CA THR A 27 25.63 -6.73 -7.45
C THR A 27 25.14 -8.06 -8.01
N GLY A 28 23.88 -8.38 -7.79
CA GLY A 28 23.35 -9.66 -8.20
C GLY A 28 22.58 -9.61 -9.51
N ILE A 29 21.79 -10.64 -9.74
CA ILE A 29 20.93 -10.70 -10.92
C ILE A 29 19.75 -9.76 -10.73
N PRO A 30 19.50 -8.89 -11.72
CA PRO A 30 18.37 -7.97 -11.68
C PRO A 30 17.06 -8.67 -11.42
N THR A 31 16.24 -8.05 -10.57
CA THR A 31 14.95 -8.56 -10.16
C THR A 31 13.87 -8.38 -11.22
N GLY A 32 14.05 -7.37 -12.07
CA GLY A 32 12.99 -6.95 -12.96
C GLY A 32 12.25 -5.76 -12.36
N PHE A 33 12.53 -5.49 -11.09
CA PHE A 33 11.90 -4.37 -10.39
C PHE A 33 12.97 -3.48 -9.76
N VAL A 34 13.03 -2.23 -10.22
CA VAL A 34 14.09 -1.30 -9.81
C VAL A 34 14.07 -1.04 -8.29
N GLN A 35 12.89 -0.87 -7.73
CA GLN A 35 12.74 -0.70 -6.30
C GLN A 35 13.23 -1.95 -5.56
N LEU A 36 12.89 -3.11 -6.09
CA LEU A 36 13.30 -4.38 -5.49
C LEU A 36 14.81 -4.56 -5.56
N ASP A 37 15.41 -4.11 -6.66
CA ASP A 37 16.86 -4.10 -6.82
C ASP A 37 17.49 -3.17 -5.80
N ASN A 38 16.84 -2.04 -5.55
CA ASN A 38 17.34 -1.10 -4.55
C ASN A 38 17.42 -1.70 -3.16
N TYR A 39 16.40 -2.48 -2.78
CA TYR A 39 16.37 -3.14 -1.48
C TYR A 39 17.42 -4.26 -1.39
N THR A 40 17.36 -5.18 -2.35
CA THR A 40 18.07 -6.44 -2.28
C THR A 40 19.43 -6.39 -2.95
N SER A 41 19.59 -5.45 -3.88
CA SER A 41 20.80 -5.36 -4.68
C SER A 41 20.83 -6.56 -5.62
N GLY A 42 19.65 -7.05 -5.99
CA GLY A 42 19.53 -8.16 -6.92
C GLY A 42 19.57 -9.49 -6.21
N PHE A 43 19.50 -10.56 -6.98
CA PHE A 43 19.55 -11.90 -6.42
C PHE A 43 21.00 -12.37 -6.44
N ASN A 44 21.57 -12.54 -5.26
CA ASN A 44 23.01 -12.78 -5.12
C ASN A 44 23.39 -14.24 -4.88
N LYS A 45 24.65 -14.57 -5.15
CA LYS A 45 25.12 -15.95 -5.02
C LYS A 45 25.04 -16.46 -3.57
N GLY A 46 24.48 -17.65 -3.40
CA GLY A 46 24.36 -18.25 -2.09
C GLY A 46 23.15 -17.79 -1.31
N SER A 47 22.37 -16.92 -1.93
CA SER A 47 21.20 -16.33 -1.28
C SER A 47 19.98 -17.24 -1.41
N LEU A 48 19.21 -17.36 -0.33
CA LEU A 48 17.91 -18.03 -0.41
C LEU A 48 16.82 -17.00 -0.23
N VAL A 49 15.99 -16.88 -1.26
CA VAL A 49 14.92 -15.90 -1.27
C VAL A 49 13.60 -16.65 -1.23
N ILE A 50 12.72 -16.24 -0.32
CA ILE A 50 11.38 -16.79 -0.30
C ILE A 50 10.37 -15.74 -0.71
N ILE A 51 9.49 -16.12 -1.63
CA ILE A 51 8.37 -15.27 -2.01
C ILE A 51 7.10 -15.96 -1.55
N GLY A 52 6.44 -15.36 -0.57
CA GLY A 52 5.25 -15.96 0.03
C GLY A 52 4.01 -15.29 -0.48
N ALA A 53 2.99 -16.09 -0.80
CA ALA A 53 1.73 -15.54 -1.29
C ALA A 53 0.58 -16.51 -1.09
N ARG A 54 -0.60 -15.96 -0.81
CA ARG A 54 -1.83 -16.71 -0.90
C ARG A 54 -2.13 -16.89 -2.38
N PRO A 55 -3.02 -17.84 -2.72
CA PRO A 55 -3.50 -17.89 -4.11
C PRO A 55 -4.14 -16.57 -4.52
N SER A 56 -4.25 -16.32 -5.82
CA SER A 56 -4.85 -15.09 -6.37
C SER A 56 -3.91 -13.87 -6.37
N MET A 57 -2.68 -14.05 -5.92
CA MET A 57 -1.74 -12.93 -5.88
C MET A 57 -0.83 -12.91 -7.09
N GLY A 58 -1.00 -13.88 -7.98
CA GLY A 58 -0.21 -13.94 -9.21
C GLY A 58 1.23 -14.35 -9.03
N LYS A 59 1.51 -15.16 -8.01
CA LYS A 59 2.89 -15.52 -7.69
C LYS A 59 3.63 -16.19 -8.85
N THR A 60 2.97 -17.09 -9.56
CA THR A 60 3.61 -17.79 -10.67
C THR A 60 4.00 -16.86 -11.80
N SER A 61 3.16 -15.87 -12.07
CA SER A 61 3.42 -14.91 -13.14
C SER A 61 4.54 -13.94 -12.75
N LEU A 62 4.54 -13.51 -11.50
CA LEU A 62 5.63 -12.70 -10.98
C LEU A 62 6.95 -13.46 -11.15
N MET A 63 6.97 -14.73 -10.75
CA MET A 63 8.15 -15.56 -10.94
C MET A 63 8.64 -15.54 -12.38
N MET A 64 7.72 -15.70 -13.34
CA MET A 64 8.15 -15.80 -14.73
C MET A 64 8.68 -14.47 -15.26
N ASN A 65 8.21 -13.38 -14.66
CA ASN A 65 8.79 -12.06 -14.91
C ASN A 65 10.24 -12.02 -14.47
N MET A 66 10.48 -12.51 -13.27
CA MET A 66 11.83 -12.57 -12.72
C MET A 66 12.70 -13.50 -13.55
N VAL A 67 12.13 -14.62 -13.98
CA VAL A 67 12.83 -15.56 -14.85
C VAL A 67 13.30 -14.86 -16.11
N LEU A 68 12.42 -14.07 -16.72
CA LEU A 68 12.75 -13.31 -17.91
C LEU A 68 13.88 -12.31 -17.65
N SER A 69 13.78 -11.59 -16.54
CA SER A 69 14.81 -10.62 -16.17
C SER A 69 16.16 -11.29 -16.05
N ALA A 70 16.16 -12.50 -15.51
CA ALA A 70 17.39 -13.28 -15.37
C ALA A 70 17.95 -13.71 -16.73
N LEU A 71 17.07 -14.10 -17.64
CA LEU A 71 17.48 -14.51 -18.98
C LEU A 71 18.07 -13.36 -19.79
N ASN A 72 17.51 -12.16 -19.62
CA ASN A 72 18.04 -10.97 -20.28
C ASN A 72 19.49 -10.73 -19.89
N ASP A 73 19.80 -11.01 -18.62
CA ASP A 73 21.15 -10.83 -18.11
C ASP A 73 22.09 -11.86 -18.69
N ASP A 74 21.54 -12.79 -19.47
CA ASP A 74 22.33 -13.82 -20.13
C ASP A 74 22.75 -14.93 -19.15
N ARG A 75 22.03 -15.04 -18.05
CA ARG A 75 22.25 -16.13 -17.10
C ARG A 75 21.41 -17.32 -17.53
N GLY A 76 21.90 -18.52 -17.22
CA GLY A 76 21.07 -19.72 -17.36
C GLY A 76 20.22 -19.83 -16.11
N VAL A 77 18.93 -20.03 -16.28
CA VAL A 77 18.03 -20.13 -15.13
C VAL A 77 17.27 -21.44 -15.14
N ALA A 78 17.18 -22.07 -13.97
CA ALA A 78 16.45 -23.32 -13.82
C ALA A 78 15.14 -23.06 -13.10
N VAL A 79 14.07 -23.70 -13.56
CA VAL A 79 12.74 -23.49 -12.99
C VAL A 79 12.10 -24.81 -12.61
N PHE A 80 11.80 -24.97 -11.32
CA PHE A 80 11.12 -26.17 -10.84
C PHE A 80 9.66 -25.89 -10.60
N SER A 81 8.81 -26.59 -11.35
CA SER A 81 7.37 -26.47 -11.19
C SER A 81 6.79 -27.74 -10.61
N LEU A 82 6.45 -27.69 -9.32
CA LEU A 82 5.85 -28.81 -8.63
C LEU A 82 4.42 -29.15 -9.04
N GLU A 83 3.62 -28.13 -9.30
CA GLU A 83 2.19 -28.31 -9.60
C GLU A 83 1.70 -27.81 -10.95
N MET A 84 2.60 -27.65 -11.91
CA MET A 84 2.25 -27.04 -13.20
C MET A 84 3.20 -27.49 -14.30
N SER A 85 2.67 -27.65 -15.51
CA SER A 85 3.48 -28.06 -16.64
C SER A 85 4.38 -26.92 -17.11
N ALA A 86 5.56 -27.27 -17.62
CA ALA A 86 6.47 -26.29 -18.18
C ALA A 86 5.78 -25.49 -19.28
N GLU A 87 4.91 -26.15 -20.03
CA GLU A 87 4.19 -25.48 -21.12
C GLU A 87 3.44 -24.26 -20.59
N GLN A 88 2.69 -24.44 -19.51
CA GLN A 88 1.93 -23.35 -18.92
C GLN A 88 2.85 -22.21 -18.51
N LEU A 89 4.04 -22.56 -18.06
CA LEU A 89 5.00 -21.57 -17.60
C LEU A 89 5.62 -20.82 -18.78
N ALA A 90 5.86 -21.54 -19.87
CA ALA A 90 6.36 -20.92 -21.09
C ALA A 90 5.33 -19.97 -21.67
N LEU A 91 4.07 -20.37 -21.61
CA LEU A 91 2.99 -19.54 -22.13
C LEU A 91 2.93 -18.22 -21.37
N ARG A 92 3.01 -18.31 -20.05
CA ARG A 92 3.02 -17.10 -19.23
C ARG A 92 4.18 -16.18 -19.63
N ALA A 93 5.34 -16.77 -19.90
CA ALA A 93 6.50 -16.01 -20.36
C ALA A 93 6.25 -15.36 -21.73
N LEU A 94 5.76 -16.14 -22.69
CA LEU A 94 5.48 -15.61 -24.02
C LEU A 94 4.46 -14.48 -23.94
N SER A 95 3.51 -14.60 -23.03
CA SER A 95 2.50 -13.57 -22.81
C SER A 95 3.12 -12.26 -22.31
N ASP A 96 4.09 -12.36 -21.42
CA ASP A 96 4.78 -11.16 -20.97
C ASP A 96 5.54 -10.50 -22.10
N LEU A 97 6.23 -11.33 -22.88
CA LEU A 97 7.05 -10.84 -23.98
C LEU A 97 6.26 -10.18 -25.09
N THR A 98 5.14 -10.78 -25.45
CA THR A 98 4.33 -10.29 -26.55
C THR A 98 3.22 -9.35 -26.13
N SER A 99 3.00 -9.23 -24.84
CA SER A 99 1.89 -8.43 -24.34
C SER A 99 0.56 -8.99 -24.83
N ILE A 100 0.56 -10.23 -25.31
CA ILE A 100 -0.68 -10.89 -25.69
C ILE A 100 -1.35 -11.49 -24.48
N ASN A 101 -2.65 -11.24 -24.37
CA ASN A 101 -3.46 -11.80 -23.31
C ASN A 101 -3.22 -13.29 -23.11
N MET A 102 -3.21 -13.72 -21.87
CA MET A 102 -3.07 -15.13 -21.56
C MET A 102 -4.27 -15.91 -22.13
N HIS A 103 -5.45 -15.29 -22.12
CA HIS A 103 -6.66 -15.92 -22.64
C HIS A 103 -6.63 -16.04 -24.16
N ASP A 104 -6.22 -14.98 -24.84
CA ASP A 104 -6.12 -14.98 -26.29
C ASP A 104 -4.98 -15.90 -26.76
N LEU A 105 -3.85 -15.83 -26.08
CA LEU A 105 -2.66 -16.61 -26.47
C LEU A 105 -2.96 -18.10 -26.39
N GLU A 106 -3.47 -18.54 -25.25
CA GLU A 106 -3.74 -19.95 -25.03
C GLU A 106 -4.80 -20.48 -25.98
N SER A 107 -5.76 -19.63 -26.34
CA SER A 107 -6.83 -20.04 -27.26
C SER A 107 -6.27 -20.28 -28.66
N GLY A 108 -5.13 -19.68 -28.93
CA GLY A 108 -4.51 -19.80 -30.24
C GLY A 108 -5.21 -18.95 -31.28
N ARG A 109 -6.26 -18.26 -30.85
CA ARG A 109 -7.00 -17.40 -31.76
C ARG A 109 -6.38 -16.01 -31.79
N LEU A 110 -5.38 -15.83 -32.65
CA LEU A 110 -4.60 -14.59 -32.70
C LEU A 110 -4.67 -13.91 -34.06
N ASP A 111 -4.61 -12.58 -34.07
CA ASP A 111 -4.52 -11.86 -35.34
C ASP A 111 -3.09 -11.89 -35.86
N ASP A 112 -2.87 -11.35 -37.05
CA ASP A 112 -1.57 -11.46 -37.72
C ASP A 112 -0.46 -10.65 -37.07
N ASP A 113 -0.80 -9.51 -36.48
CA ASP A 113 0.15 -8.74 -35.70
C ASP A 113 0.59 -9.56 -34.49
N GLN A 114 -0.37 -10.26 -33.89
CA GLN A 114 -0.10 -11.07 -32.72
C GLN A 114 0.76 -12.30 -33.04
N TRP A 115 0.47 -12.99 -34.13
CA TRP A 115 1.29 -14.16 -34.49
CA TRP A 115 1.28 -14.15 -34.51
C TRP A 115 2.70 -13.74 -34.86
N GLU A 116 2.81 -12.67 -35.63
CA GLU A 116 4.11 -12.18 -36.05
C GLU A 116 4.94 -11.89 -34.81
N ASN A 117 4.37 -11.12 -33.90
CA ASN A 117 4.98 -10.78 -32.64
C ASN A 117 5.28 -12.02 -31.80
N LEU A 118 4.32 -12.93 -31.71
CA LEU A 118 4.50 -14.18 -30.98
C LEU A 118 5.66 -14.98 -31.59
N ALA A 119 5.70 -15.05 -32.91
CA ALA A 119 6.71 -15.84 -33.60
C ALA A 119 8.12 -15.33 -33.33
N LYS A 120 8.26 -14.01 -33.28
CA LYS A 120 9.55 -13.40 -33.02
C LYS A 120 10.01 -13.68 -31.59
N CYS A 121 9.10 -13.57 -30.62
CA CYS A 121 9.41 -13.85 -29.22
C CYS A 121 9.71 -15.32 -29.00
N PHE A 122 9.04 -16.18 -29.76
CA PHE A 122 9.28 -17.61 -29.70
C PHE A 122 10.75 -17.93 -30.03
N ASP A 123 11.22 -17.39 -31.15
CA ASP A 123 12.61 -17.60 -31.57
C ASP A 123 13.60 -17.01 -30.57
N HIS A 124 13.23 -15.86 -30.00
CA HIS A 124 14.07 -15.18 -29.02
C HIS A 124 14.23 -16.02 -27.75
N LEU A 125 13.10 -16.42 -27.19
CA LEU A 125 13.07 -17.23 -25.99
C LEU A 125 13.74 -18.58 -26.19
N SER A 126 13.69 -19.08 -27.43
CA SER A 126 14.24 -20.39 -27.74
C SER A 126 15.76 -20.41 -27.65
N GLN A 127 16.37 -19.24 -27.84
CA GLN A 127 17.82 -19.13 -27.79
C GLN A 127 18.32 -19.01 -26.35
N LYS A 128 17.41 -18.71 -25.44
CA LYS A 128 17.79 -18.50 -24.04
C LYS A 128 18.07 -19.81 -23.31
N LYS A 129 18.97 -19.75 -22.33
CA LYS A 129 19.31 -20.92 -21.52
C LYS A 129 18.37 -21.06 -20.32
N LEU A 130 17.24 -21.71 -20.58
CA LEU A 130 16.20 -21.89 -19.59
C LEU A 130 15.91 -23.39 -19.41
N PHE A 131 15.95 -23.86 -18.18
CA PHE A 131 15.73 -25.29 -17.91
C PHE A 131 14.55 -25.53 -16.99
N PHE A 132 13.51 -26.14 -17.55
CA PHE A 132 12.32 -26.49 -16.78
C PHE A 132 12.37 -27.89 -16.18
N TYR A 133 11.81 -28.02 -14.99
CA TYR A 133 11.53 -29.31 -14.37
C TYR A 133 10.08 -29.28 -13.88
N ASP A 134 9.22 -30.09 -14.48
CA ASP A 134 7.81 -30.06 -14.14
C ASP A 134 7.29 -31.41 -13.64
N LYS A 135 8.19 -32.24 -13.11
CA LYS A 135 7.77 -33.44 -12.41
C LYS A 135 7.21 -33.01 -11.07
N SER A 136 6.01 -33.49 -10.76
CA SER A 136 5.25 -32.99 -9.64
C SER A 136 5.75 -33.47 -8.27
N TYR A 137 5.70 -32.57 -7.30
CA TYR A 137 5.96 -32.90 -5.90
C TYR A 137 7.33 -33.57 -5.68
N VAL A 138 8.32 -33.10 -6.41
CA VAL A 138 9.70 -33.52 -6.21
C VAL A 138 10.18 -33.10 -4.82
N ARG A 139 10.86 -34.00 -4.11
CA ARG A 139 11.42 -33.69 -2.81
C ARG A 139 12.74 -32.93 -2.97
N ILE A 140 13.20 -32.31 -1.89
CA ILE A 140 14.36 -31.45 -2.00
C ILE A 140 15.63 -32.21 -2.36
N GLU A 141 15.72 -33.46 -1.93
CA GLU A 141 16.85 -34.29 -2.29
C GLU A 141 16.88 -34.41 -3.81
N GLN A 142 15.71 -34.66 -4.39
CA GLN A 142 15.60 -34.77 -5.85
C GLN A 142 15.91 -33.44 -6.52
N ILE A 143 15.37 -32.35 -6.00
CA ILE A 143 15.65 -31.02 -6.51
C ILE A 143 17.13 -30.74 -6.47
N ARG A 144 17.72 -30.99 -5.29
CA ARG A 144 19.16 -30.81 -5.08
C ARG A 144 19.98 -31.64 -6.05
N LEU A 145 19.52 -32.84 -6.36
CA LEU A 145 20.23 -33.73 -7.26
C LEU A 145 20.29 -33.16 -8.68
N GLN A 146 19.14 -32.68 -9.14
CA GLN A 146 19.01 -32.14 -10.49
C GLN A 146 19.87 -30.88 -10.69
N LEU A 147 19.92 -30.03 -9.67
CA LEU A 147 20.71 -28.80 -9.76
C LEU A 147 22.20 -29.08 -9.80
N ARG A 148 22.67 -29.95 -8.90
CA ARG A 148 24.05 -30.42 -8.94
C ARG A 148 24.38 -30.90 -10.35
N LYS A 149 23.54 -31.80 -10.88
CA LYS A 149 23.75 -32.34 -12.21
C LYS A 149 23.72 -31.22 -13.24
N LEU A 150 22.72 -30.34 -13.14
CA LEU A 150 22.57 -29.23 -14.07
C LEU A 150 23.74 -28.27 -14.00
N LYS A 151 24.19 -27.96 -12.80
CA LYS A 151 25.30 -27.03 -12.60
C LYS A 151 26.58 -27.56 -13.23
N SER A 152 26.83 -28.85 -13.06
CA SER A 152 28.03 -29.45 -13.62
C SER A 152 27.96 -29.48 -15.14
N GLN A 153 26.75 -29.68 -15.67
CA GLN A 153 26.53 -29.70 -17.11
C GLN A 153 26.63 -28.30 -17.72
N HIS A 154 26.10 -27.31 -17.02
CA HIS A 154 26.11 -25.93 -17.48
C HIS A 154 26.71 -24.98 -16.45
N LYS A 155 27.92 -24.50 -16.74
CA LYS A 155 28.58 -23.55 -15.85
C LYS A 155 27.81 -22.23 -15.80
N GLU A 156 27.06 -21.93 -16.85
CA GLU A 156 26.34 -20.67 -16.98
C GLU A 156 25.13 -20.56 -16.03
N LEU A 157 24.67 -21.69 -15.51
CA LEU A 157 23.56 -21.69 -14.56
C LEU A 157 23.84 -20.73 -13.42
N GLY A 158 22.93 -19.79 -13.20
CA GLY A 158 23.17 -18.73 -12.24
C GLY A 158 22.04 -18.48 -11.26
N ILE A 159 20.93 -19.20 -11.41
CA ILE A 159 19.77 -18.99 -10.56
C ILE A 159 18.73 -20.10 -10.74
N ALA A 160 18.02 -20.43 -9.67
CA ALA A 160 16.96 -21.44 -9.75
C ALA A 160 15.69 -20.97 -9.06
N PHE A 161 14.55 -21.27 -9.66
CA PHE A 161 13.27 -20.90 -9.10
C PHE A 161 12.50 -22.16 -8.73
N ILE A 162 11.77 -22.12 -7.63
CA ILE A 162 10.93 -23.23 -7.24
C ILE A 162 9.50 -22.78 -7.01
N ASP A 163 8.56 -23.42 -7.70
CA ASP A 163 7.17 -23.03 -7.63
C ASP A 163 6.26 -24.25 -7.57
N TYR A 164 5.68 -24.53 -6.40
CA TYR A 164 5.89 -23.75 -5.19
C TYR A 164 5.91 -24.73 -4.03
N LEU A 165 6.28 -24.25 -2.84
CA LEU A 165 6.22 -25.07 -1.64
C LEU A 165 4.91 -24.82 -0.91
N GLN A 166 4.20 -25.89 -0.58
CA GLN A 166 2.93 -25.79 0.12
C GLN A 166 3.14 -25.92 1.63
N LEU A 167 2.33 -25.20 2.41
CA LEU A 167 2.41 -25.27 3.86
C LEU A 167 1.35 -26.21 4.43
N MET A 168 1.79 -27.22 5.18
CA MET A 168 0.85 -28.17 5.74
C MET A 168 0.38 -27.78 7.14
N SER A 169 -0.95 -27.78 7.32
CA SER A 169 -1.54 -27.39 8.58
C SER A 169 -2.69 -28.34 8.95
N GLY A 170 -2.69 -28.79 10.19
CA GLY A 170 -3.78 -29.59 10.72
C GLY A 170 -3.67 -31.08 10.43
N SER A 171 -4.83 -31.74 10.39
CA SER A 171 -4.91 -33.17 10.14
C SER A 171 -4.14 -33.56 8.88
N LYS A 172 -4.28 -32.76 7.83
CA LYS A 172 -3.56 -33.01 6.60
C LYS A 172 -2.06 -33.11 6.92
N ALA A 173 -1.53 -32.08 7.57
CA ALA A 173 -0.13 -32.05 7.97
C ALA A 173 0.27 -33.34 8.71
N THR A 174 -0.55 -33.75 9.66
CA THR A 174 -0.27 -34.97 10.44
C THR A 174 -0.36 -36.23 9.59
N LYS A 175 -1.39 -36.31 8.76
CA LYS A 175 -1.60 -37.48 7.91
C LYS A 175 -0.64 -37.48 6.72
N GLU A 176 -0.33 -36.29 6.20
CA GLU A 176 0.46 -36.14 5.00
C GLU A 176 1.96 -36.38 5.22
N ARG A 177 2.50 -35.88 6.32
CA ARG A 177 3.91 -36.11 6.66
C ARG A 177 4.84 -35.55 5.58
N HIS A 178 4.57 -34.33 5.13
CA HIS A 178 5.43 -33.65 4.16
C HIS A 178 6.70 -33.15 4.83
N GLU A 179 7.71 -32.87 4.03
CA GLU A 179 8.88 -32.17 4.57
C GLU A 179 8.44 -30.80 5.04
N GLN A 180 8.94 -30.36 6.21
CA GLN A 180 8.49 -29.09 6.76
C GLN A 180 9.29 -27.88 6.24
N ILE A 181 8.63 -26.71 6.21
CA ILE A 181 9.18 -25.50 5.58
C ILE A 181 10.54 -25.04 6.17
N ALA A 182 10.69 -25.12 7.49
CA ALA A 182 11.92 -24.69 8.14
C ALA A 182 13.09 -25.59 7.76
N GLU A 183 12.81 -26.88 7.58
CA GLU A 183 13.84 -27.83 7.17
C GLU A 183 14.16 -27.66 5.70
N ILE A 184 13.11 -27.54 4.88
CA ILE A 184 13.26 -27.33 3.46
C ILE A 184 14.17 -26.14 3.19
N SER A 185 13.78 -24.99 3.73
CA SER A 185 14.49 -23.75 3.46
C SER A 185 15.91 -23.83 4.01
N ARG A 186 16.08 -24.60 5.08
CA ARG A 186 17.39 -24.86 5.65
C ARG A 186 18.31 -25.59 4.65
N GLU A 187 17.76 -26.59 3.98
CA GLU A 187 18.53 -27.31 2.98
C GLU A 187 18.72 -26.50 1.68
N LEU A 188 17.71 -25.71 1.31
CA LEU A 188 17.82 -24.87 0.12
C LEU A 188 18.90 -23.81 0.31
N LYS A 189 18.99 -23.28 1.52
CA LYS A 189 20.02 -22.30 1.83
C LYS A 189 21.40 -22.93 1.70
N THR A 190 21.51 -24.17 2.15
CA THR A 190 22.77 -24.92 2.02
C THR A 190 23.10 -25.17 0.55
N LEU A 191 22.07 -25.44 -0.25
CA LEU A 191 22.24 -25.71 -1.68
C LEU A 191 22.69 -24.44 -2.42
N ALA A 192 21.99 -23.34 -2.16
CA ALA A 192 22.40 -22.06 -2.72
C ALA A 192 23.88 -21.80 -2.47
N ARG A 193 24.29 -21.86 -1.21
CA ARG A 193 25.68 -21.67 -0.85
C ARG A 193 26.60 -22.64 -1.58
N GLU A 194 26.17 -23.90 -1.69
CA GLU A 194 26.97 -24.93 -2.34
C GLU A 194 27.17 -24.69 -3.83
N LEU A 195 26.08 -24.34 -4.53
CA LEU A 195 26.12 -24.11 -5.96
C LEU A 195 26.55 -22.68 -6.29
N GLU A 196 26.55 -21.83 -5.28
CA GLU A 196 26.89 -20.42 -5.44
C GLU A 196 25.95 -19.66 -6.38
N ILE A 197 24.67 -20.01 -6.33
CA ILE A 197 23.65 -19.27 -7.06
C ILE A 197 22.58 -18.81 -6.09
N PRO A 198 21.76 -17.83 -6.49
CA PRO A 198 20.53 -17.52 -5.76
C PRO A 198 19.52 -18.64 -5.97
N ILE A 199 18.78 -18.98 -4.93
CA ILE A 199 17.61 -19.83 -5.10
C ILE A 199 16.38 -19.06 -4.64
N ILE A 200 15.42 -18.88 -5.55
CA ILE A 200 14.15 -18.24 -5.22
C ILE A 200 13.06 -19.29 -5.09
N ALA A 201 12.44 -19.37 -3.92
CA ALA A 201 11.39 -20.36 -3.65
C ALA A 201 10.05 -19.69 -3.37
N LEU A 202 9.06 -20.01 -4.19
CA LEU A 202 7.70 -19.55 -3.91
C LEU A 202 7.06 -20.46 -2.87
N VAL A 203 6.38 -19.84 -1.92
CA VAL A 203 5.68 -20.58 -0.90
C VAL A 203 4.22 -20.13 -0.90
N GLN A 204 3.32 -21.10 -1.02
CA GLN A 204 1.91 -20.76 -0.97
C GLN A 204 1.46 -20.75 0.49
N LEU A 205 1.10 -19.57 0.96
CA LEU A 205 0.67 -19.35 2.33
C LEU A 205 -0.67 -19.96 2.72
N ASN A 206 -0.76 -20.35 3.98
CA ASN A 206 -1.94 -20.97 4.58
C ASN A 206 -3.15 -20.05 4.72
N ARG A 207 -4.33 -20.63 4.60
CA ARG A 207 -5.59 -19.90 4.69
C ARG A 207 -5.79 -19.25 6.06
N SER A 208 -5.42 -19.96 7.11
CA SER A 208 -5.60 -19.49 8.48
C SER A 208 -5.15 -18.05 8.56
N LEU A 209 -4.10 -17.72 7.83
CA LEU A 209 -3.62 -16.34 7.76
C LEU A 209 -4.77 -15.35 7.65
N GLU A 210 -5.86 -15.78 7.01
CA GLU A 210 -6.94 -14.87 6.66
C GLU A 210 -8.00 -14.68 7.75
N ASN A 211 -7.86 -15.40 8.85
CA ASN A 211 -8.71 -15.16 10.02
C ASN A 211 -8.45 -13.73 10.49
N ARG A 212 -7.21 -13.29 10.27
CA ARG A 212 -6.70 -12.02 10.74
C ARG A 212 -7.43 -10.84 10.11
N ASP A 213 -7.48 -9.73 10.84
CA ASP A 213 -8.08 -8.50 10.32
C ASP A 213 -7.23 -7.96 9.19
N ASP A 214 -5.93 -7.79 9.44
CA ASP A 214 -4.99 -7.37 8.42
C ASP A 214 -4.41 -8.60 7.74
N LYS A 215 -4.70 -8.76 6.45
CA LYS A 215 -4.38 -9.99 5.75
C LYS A 215 -3.06 -9.94 4.98
N ARG A 216 -2.26 -8.92 5.24
CA ARG A 216 -0.89 -8.88 4.75
C ARG A 216 -0.10 -9.95 5.48
N PRO A 217 0.54 -10.87 4.72
CA PRO A 217 1.31 -11.96 5.34
C PRO A 217 2.39 -11.43 6.28
N ILE A 218 2.81 -12.24 7.23
CA ILE A 218 3.85 -11.85 8.15
C ILE A 218 4.88 -12.95 8.17
N LEU A 219 6.05 -12.64 8.71
CA LEU A 219 7.18 -13.55 8.66
C LEU A 219 6.85 -14.88 9.33
N SER A 220 6.09 -14.83 10.41
CA SER A 220 5.69 -16.01 11.15
C SER A 220 4.71 -16.90 10.39
N ASP A 221 4.14 -16.36 9.32
CA ASP A 221 3.13 -17.08 8.53
C ASP A 221 3.79 -18.22 7.77
N ILE A 222 5.09 -18.08 7.53
CA ILE A 222 5.85 -19.13 6.86
C ILE A 222 6.28 -20.17 7.88
N LYS A 223 5.37 -21.08 8.20
CA LYS A 223 5.65 -22.08 9.23
C LYS A 223 4.68 -23.24 9.15
N ASP A 224 5.01 -24.30 9.88
CA ASP A 224 4.13 -25.42 10.11
C ASP A 224 4.63 -26.06 11.38
N SER A 225 3.90 -27.02 11.94
CA SER A 225 4.46 -27.76 13.06
C SER A 225 5.82 -28.19 12.56
N GLY A 226 6.87 -27.82 13.28
CA GLY A 226 8.21 -27.98 12.75
C GLY A 226 8.92 -26.64 12.78
N GLY A 227 8.13 -25.58 12.98
CA GLY A 227 8.68 -24.28 13.27
C GLY A 227 8.55 -23.26 12.16
N ILE A 228 8.81 -22.00 12.52
CA ILE A 228 8.88 -20.91 11.58
C ILE A 228 10.17 -21.01 10.77
N GLU A 229 10.08 -20.80 9.46
CA GLU A 229 11.25 -20.76 8.60
C GLU A 229 12.20 -19.68 9.10
N GLN A 230 13.51 -19.91 8.98
CA GLN A 230 14.50 -18.97 9.51
C GLN A 230 15.72 -18.78 8.62
N ASP A 231 15.85 -19.58 7.56
CA ASP A 231 17.09 -19.64 6.81
C ASP A 231 17.16 -18.80 5.53
N ALA A 232 16.03 -18.28 5.08
CA ALA A 232 16.01 -17.40 3.91
C ALA A 232 16.65 -16.06 4.24
N ASP A 233 17.45 -15.53 3.33
CA ASP A 233 18.07 -14.23 3.54
C ASP A 233 17.07 -13.11 3.26
N ILE A 234 16.19 -13.36 2.32
CA ILE A 234 15.19 -12.38 1.92
C ILE A 234 13.81 -13.01 1.84
N VAL A 235 12.82 -12.32 2.38
CA VAL A 235 11.44 -12.77 2.25
C VAL A 235 10.56 -11.68 1.67
N LEU A 236 9.96 -11.98 0.51
CA LEU A 236 9.01 -11.08 -0.12
C LEU A 236 7.60 -11.63 0.02
N PHE A 237 6.65 -10.76 0.36
CA PHE A 237 5.24 -11.15 0.34
C PHE A 237 4.48 -10.39 -0.74
N LEU A 238 3.62 -11.13 -1.44
CA LEU A 238 2.76 -10.57 -2.47
C LEU A 238 1.39 -10.26 -1.90
N TYR A 239 0.96 -9.01 -2.00
CA TYR A 239 -0.32 -8.61 -1.43
C TYR A 239 -1.16 -7.74 -2.37
N ARG A 240 -2.31 -8.27 -2.80
CA ARG A 240 -3.25 -7.50 -3.57
C ARG A 240 -4.42 -7.10 -2.70
N GLY A 241 -4.37 -5.89 -2.17
CA GLY A 241 -5.40 -5.39 -1.28
C GLY A 241 -6.76 -5.31 -1.95
N TYR A 242 -6.76 -5.26 -3.28
CA TYR A 242 -7.99 -5.12 -4.03
C TYR A 242 -8.79 -6.41 -4.03
N ILE A 243 -8.09 -7.54 -3.99
CA ILE A 243 -8.75 -8.83 -3.90
C ILE A 243 -9.50 -8.97 -2.58
N TYR A 244 -8.93 -8.44 -1.51
CA TYR A 244 -9.52 -8.56 -0.19
C TYR A 244 -10.64 -7.54 0.03
N GLN A 245 -10.49 -6.37 -0.59
CA GLN A 245 -11.52 -5.34 -0.55
C GLN A 245 -12.77 -5.83 -1.26
N MET A 246 -12.56 -6.44 -2.43
CA MET A 246 -13.61 -7.04 -3.24
C MET A 246 -14.39 -8.08 -2.44
N ARG A 247 -13.67 -8.90 -1.68
CA ARG A 247 -14.31 -9.93 -0.86
C ARG A 247 -14.97 -9.32 0.37
N ALA A 248 -14.44 -8.22 0.87
CA ALA A 248 -15.03 -7.54 2.01
C ALA A 248 -16.36 -6.92 1.61
N GLU A 249 -16.41 -6.37 0.41
CA GLU A 249 -17.62 -5.79 -0.12
C GLU A 249 -18.70 -6.85 -0.28
N ASP A 250 -18.40 -7.91 -1.02
CA ASP A 250 -19.37 -8.97 -1.23
C ASP A 250 -19.90 -9.47 0.11
N ASN A 251 -19.02 -9.63 1.08
CA ASN A 251 -19.41 -10.11 2.39
C ASN A 251 -20.34 -9.16 3.12
N LYS A 252 -20.04 -7.86 3.07
CA LYS A 252 -20.86 -6.88 3.76
C LYS A 252 -22.27 -6.79 3.19
N ILE A 253 -22.37 -6.80 1.87
CA ILE A 253 -23.67 -6.80 1.21
C ILE A 253 -24.51 -7.95 1.75
N ASP A 254 -24.00 -9.16 1.60
CA ASP A 254 -24.68 -10.35 2.12
C ASP A 254 -25.07 -10.19 3.57
N LYS A 255 -24.10 -9.79 4.39
CA LYS A 255 -24.41 -9.51 5.77
C LYS A 255 -25.68 -8.67 5.78
N LEU A 256 -25.61 -7.51 5.13
CA LEU A 256 -26.70 -6.52 5.15
C LEU A 256 -28.06 -7.03 4.65
N LYS A 257 -28.07 -7.75 3.54
CA LYS A 257 -29.30 -8.39 3.06
C LYS A 257 -29.87 -9.32 4.13
N LYS A 258 -29.04 -10.23 4.62
CA LYS A 258 -29.32 -10.89 5.88
C LYS A 258 -29.47 -9.78 6.92
N GLU A 259 -30.12 -10.06 8.05
CA GLU A 259 -30.38 -9.05 9.08
C GLU A 259 -31.33 -7.95 8.60
N GLY A 260 -31.78 -8.10 7.35
CA GLY A 260 -32.96 -7.39 6.87
C GLY A 260 -32.79 -5.91 6.56
N LYS A 261 -31.62 -5.52 6.08
CA LYS A 261 -31.44 -4.15 5.62
C LYS A 261 -31.34 -4.10 4.10
N ILE A 262 -32.43 -4.42 3.40
CA ILE A 262 -32.45 -4.40 1.95
C ILE A 262 -32.11 -3.01 1.41
N GLU A 263 -32.47 -1.98 2.16
CA GLU A 263 -32.31 -0.60 1.74
C GLU A 263 -30.86 -0.23 1.47
N GLU A 264 -29.99 -0.66 2.37
CA GLU A 264 -28.57 -0.33 2.28
C GLU A 264 -27.78 -1.37 1.51
N ALA A 265 -28.10 -2.64 1.73
CA ALA A 265 -27.42 -3.72 1.04
C ALA A 265 -27.53 -3.52 -0.47
N GLN A 266 -28.69 -3.06 -0.91
CA GLN A 266 -28.94 -2.80 -2.32
C GLN A 266 -28.16 -1.56 -2.76
N GLU A 267 -28.09 -0.58 -1.87
CA GLU A 267 -27.32 0.64 -2.13
C GLU A 267 -25.83 0.31 -2.25
N LEU A 268 -25.32 -0.51 -1.35
CA LEU A 268 -23.92 -0.92 -1.37
C LEU A 268 -23.62 -1.73 -2.62
N TYR A 269 -24.49 -2.68 -2.94
CA TYR A 269 -24.36 -3.48 -4.15
C TYR A 269 -24.31 -2.59 -5.38
N LEU A 270 -25.15 -1.56 -5.37
CA LEU A 270 -25.24 -0.63 -6.49
C LEU A 270 -23.94 0.16 -6.63
N LYS A 271 -23.43 0.63 -5.50
CA LYS A 271 -22.19 1.39 -5.46
C LYS A 271 -21.00 0.53 -5.86
N VAL A 272 -20.88 -0.62 -5.20
CA VAL A 272 -19.79 -1.55 -5.45
C VAL A 272 -19.71 -1.96 -6.91
N ASN A 273 -20.85 -2.33 -7.50
CA ASN A 273 -20.88 -2.82 -8.87
C ASN A 273 -20.60 -1.74 -9.91
N GLU A 274 -20.67 -0.49 -9.49
CA GLU A 274 -20.32 0.62 -10.37
C GLU A 274 -18.83 0.96 -10.24
N GLU A 275 -18.26 0.67 -9.08
CA GLU A 275 -16.82 0.80 -8.90
C GLU A 275 -16.13 -0.21 -9.80
N ARG A 276 -16.74 -1.38 -9.93
CA ARG A 276 -16.17 -2.47 -10.72
C ARG A 276 -16.32 -2.29 -12.24
N ARG A 277 -17.39 -1.63 -12.67
CA ARG A 277 -17.57 -1.37 -14.10
C ARG A 277 -16.50 -0.41 -14.59
N ILE A 278 -16.32 0.68 -13.85
CA ILE A 278 -15.30 1.66 -14.19
C ILE A 278 -13.91 1.06 -14.10
N HIS A 279 -13.70 0.20 -13.11
CA HIS A 279 -12.41 -0.44 -12.93
C HIS A 279 -12.06 -1.26 -14.17
N LYS A 280 -12.97 -2.14 -14.58
CA LYS A 280 -12.72 -2.98 -15.75
C LYS A 280 -12.59 -2.13 -17.01
N GLN A 281 -13.26 -0.99 -17.03
CA GLN A 281 -13.20 -0.09 -18.16
C GLN A 281 -11.84 0.59 -18.24
N ASN A 282 -11.29 0.94 -17.08
CA ASN A 282 -9.98 1.58 -17.00
C ASN A 282 -8.82 0.60 -17.16
N GLY A 283 -9.14 -0.66 -17.42
CA GLY A 283 -8.12 -1.66 -17.70
C GLY A 283 -7.88 -2.66 -16.59
N SER A 284 -8.69 -2.58 -15.53
CA SER A 284 -8.55 -3.44 -14.37
C SER A 284 -7.14 -3.36 -13.79
N ILE A 285 -6.68 -2.13 -13.59
CA ILE A 285 -5.36 -1.88 -13.05
C ILE A 285 -5.49 -1.44 -11.60
N GLU A 286 -4.83 -2.17 -10.70
CA GLU A 286 -4.94 -1.91 -9.28
C GLU A 286 -3.60 -1.60 -8.62
N GLU A 287 -3.67 -1.09 -7.39
CA GLU A 287 -2.47 -0.88 -6.58
C GLU A 287 -2.21 -2.14 -5.76
N ALA A 288 -1.04 -2.73 -5.94
CA ALA A 288 -0.66 -3.92 -5.19
C ALA A 288 0.58 -3.62 -4.35
N GLU A 289 1.01 -4.61 -3.59
CA GLU A 289 2.16 -4.44 -2.71
C GLU A 289 3.12 -5.62 -2.77
N ILE A 290 4.39 -5.31 -2.98
CA ILE A 290 5.44 -6.29 -2.80
C ILE A 290 6.20 -5.91 -1.53
N ILE A 291 6.01 -6.70 -0.49
CA ILE A 291 6.54 -6.41 0.83
C ILE A 291 7.87 -7.09 1.07
N VAL A 292 8.92 -6.30 1.26
CA VAL A 292 10.20 -6.84 1.67
C VAL A 292 10.17 -7.04 3.19
N ALA A 293 9.80 -8.26 3.61
CA ALA A 293 9.55 -8.53 5.03
C ALA A 293 10.83 -8.90 5.75
N LYS A 294 11.79 -9.41 5.01
CA LYS A 294 13.08 -9.74 5.56
C LYS A 294 14.15 -9.48 4.52
N ASN A 295 15.25 -8.87 4.93
CA ASN A 295 16.34 -8.57 4.04
C ASN A 295 17.62 -8.53 4.84
N ARG A 296 18.28 -9.68 4.94
CA ARG A 296 19.51 -9.79 5.71
C ARG A 296 20.52 -8.74 5.24
N ASN A 297 21.06 -8.00 6.21
CA ASN A 297 22.02 -6.93 5.98
C ASN A 297 21.44 -5.75 5.19
N GLY A 298 20.12 -5.75 5.04
CA GLY A 298 19.46 -4.73 4.24
C GLY A 298 18.26 -4.06 4.91
N ALA A 299 17.69 -3.11 4.18
CA ALA A 299 16.52 -2.39 4.66
C ALA A 299 15.26 -3.21 4.41
N THR A 300 14.29 -3.03 5.28
CA THR A 300 12.99 -3.66 5.15
C THR A 300 11.98 -2.63 4.65
N GLY A 301 10.92 -3.10 4.00
CA GLY A 301 9.89 -2.18 3.55
C GLY A 301 8.90 -2.75 2.55
N THR A 302 8.06 -1.86 2.04
CA THR A 302 7.05 -2.21 1.07
C THR A 302 7.30 -1.45 -0.23
N VAL A 303 7.30 -2.15 -1.35
CA VAL A 303 7.28 -1.45 -2.63
C VAL A 303 5.85 -1.50 -3.17
N TYR A 304 5.29 -0.31 -3.36
CA TYR A 304 3.96 -0.20 -3.93
C TYR A 304 4.06 -0.28 -5.43
N THR A 305 3.24 -1.13 -6.03
CA THR A 305 3.30 -1.32 -7.46
C THR A 305 1.91 -1.39 -8.06
N ARG A 306 1.82 -1.19 -9.38
CA ARG A 306 0.57 -1.37 -10.07
C ARG A 306 0.45 -2.80 -10.54
N PHE A 307 -0.68 -3.44 -10.24
CA PHE A 307 -0.95 -4.78 -10.71
C PHE A 307 -1.92 -4.74 -11.89
N ASN A 308 -1.43 -5.09 -13.07
CA ASN A 308 -2.26 -5.18 -14.25
C ASN A 308 -2.97 -6.53 -14.28
N ALA A 309 -4.19 -6.57 -13.77
CA ALA A 309 -4.91 -7.83 -13.57
C ALA A 309 -5.08 -8.70 -14.82
N PRO A 310 -5.46 -8.09 -15.95
CA PRO A 310 -5.66 -8.83 -17.21
C PRO A 310 -4.38 -9.42 -17.77
N PHE A 311 -3.23 -8.96 -17.29
CA PHE A 311 -1.96 -9.54 -17.70
C PHE A 311 -1.28 -10.21 -16.51
N THR A 312 -1.98 -10.27 -15.38
CA THR A 312 -1.42 -10.80 -14.14
C THR A 312 0.04 -10.33 -14.02
N ARG A 313 0.22 -9.02 -13.93
CA ARG A 313 1.55 -8.43 -14.00
C ARG A 313 1.76 -7.27 -13.03
N TYR A 314 2.77 -7.41 -12.15
CA TYR A 314 3.21 -6.30 -11.31
C TYR A 314 4.04 -5.30 -12.11
N GLU A 315 3.72 -4.02 -11.94
CA GLU A 315 4.37 -2.96 -12.72
C GLU A 315 5.70 -2.59 -12.14
N ASP A 316 6.79 -2.74 -12.89
CA ASP A 316 8.06 -2.16 -12.46
C ASP A 316 8.15 -0.67 -12.83
N MET A 317 8.53 0.15 -11.85
CA MET A 317 8.66 1.58 -12.02
C MET A 317 9.22 2.19 -10.73
N PRO A 318 10.02 3.27 -10.91
CA PRO A 318 10.67 3.94 -9.78
C PRO A 318 9.60 4.61 -8.91
N ILE A 319 9.94 4.84 -7.64
CA ILE A 319 9.01 5.48 -6.72
C ILE A 319 8.55 6.82 -7.26
N ASP A 320 9.48 7.54 -7.89
CA ASP A 320 9.16 8.85 -8.47
C ASP A 320 8.21 8.73 -9.67
N SER A 321 8.51 7.78 -10.57
CA SER A 321 7.67 7.53 -11.73
C SER A 321 6.29 7.05 -11.28
N HIS A 322 6.23 6.06 -10.42
CA HIS A 322 5.03 5.80 -9.65
C HIS A 322 4.79 7.10 -8.91
N LEU A 323 3.53 7.46 -8.65
CA LEU A 323 3.18 8.76 -8.04
C LEU A 323 2.81 9.78 -9.11
N ALA B 1 -48.13 7.01 -33.80
CA ALA B 1 -47.78 7.99 -32.79
C ALA B 1 -46.72 7.44 -31.83
N ARG B 2 -47.07 7.39 -30.56
CA ARG B 2 -46.24 6.70 -29.57
C ARG B 2 -47.15 5.87 -28.67
N ASN B 3 -46.61 4.76 -28.16
CA ASN B 3 -47.41 3.85 -27.35
C ASN B 3 -47.56 4.33 -25.91
N ILE B 4 -48.81 4.37 -25.43
CA ILE B 4 -49.11 4.82 -24.07
C ILE B 4 -48.55 3.87 -23.02
N LYS B 5 -48.67 2.58 -23.26
CA LYS B 5 -48.11 1.59 -22.35
C LYS B 5 -46.60 1.74 -22.34
N GLU B 6 -46.01 1.89 -23.52
CA GLU B 6 -44.54 2.00 -23.67
C GLU B 6 -43.94 3.29 -23.11
N VAL B 7 -44.76 4.33 -22.83
CA VAL B 7 -44.27 5.60 -22.27
C VAL B 7 -44.24 5.54 -20.75
N LEU B 8 -45.30 4.99 -20.17
CA LEU B 8 -45.40 4.80 -18.73
C LEU B 8 -44.29 3.84 -18.20
N GLU B 9 -44.00 2.83 -19.00
CA GLU B 9 -42.89 1.93 -18.79
C GLU B 9 -41.56 2.70 -18.88
N SER B 10 -41.37 3.48 -19.93
CA SER B 10 -40.14 4.29 -20.02
C SER B 10 -40.05 5.22 -18.83
N ALA B 11 -41.18 5.84 -18.50
CA ALA B 11 -41.25 6.69 -17.34
C ALA B 11 -40.64 5.97 -16.14
N MET B 12 -41.20 4.81 -15.80
CA MET B 12 -40.71 4.06 -14.66
C MET B 12 -39.20 3.79 -14.75
N ASP B 13 -38.72 3.51 -15.95
CA ASP B 13 -37.29 3.26 -16.16
C ASP B 13 -36.41 4.48 -15.89
N LEU B 14 -36.83 5.63 -16.39
CA LEU B 14 -36.12 6.88 -16.14
C LEU B 14 -36.11 7.19 -14.64
N ILE B 15 -37.27 7.04 -14.01
CA ILE B 15 -37.37 7.31 -12.57
C ILE B 15 -36.48 6.35 -11.79
N THR B 16 -36.52 5.08 -12.14
CA THR B 16 -35.67 4.06 -11.51
C THR B 16 -34.19 4.32 -11.77
N GLU B 17 -33.85 4.70 -12.99
CA GLU B 17 -32.47 5.02 -13.33
C GLU B 17 -31.97 6.26 -12.58
N ASN B 18 -32.83 7.28 -12.51
CA ASN B 18 -32.55 8.44 -11.68
C ASN B 18 -32.37 8.03 -10.22
N GLN B 19 -33.19 7.09 -9.77
CA GLN B 19 -33.07 6.54 -8.43
C GLN B 19 -31.71 5.87 -8.25
N ARG B 20 -31.27 5.15 -9.28
CA ARG B 20 -29.99 4.45 -9.25
C ARG B 20 -28.83 5.46 -9.23
N LYS B 21 -29.01 6.58 -9.90
CA LYS B 21 -27.99 7.62 -9.93
C LYS B 21 -27.96 8.45 -8.64
N GLY B 22 -29.13 8.66 -8.05
CA GLY B 22 -29.23 9.36 -6.78
C GLY B 22 -28.39 8.66 -5.73
N SER B 23 -28.72 7.40 -5.48
CA SER B 23 -27.77 6.50 -4.84
C SER B 23 -26.65 6.46 -5.83
N LEU B 24 -25.43 6.16 -5.39
CA LEU B 24 -24.29 6.15 -6.30
C LEU B 24 -23.72 7.55 -6.42
N GLU B 25 -24.33 8.50 -5.73
CA GLU B 25 -23.80 9.86 -5.72
C GLU B 25 -23.28 10.27 -4.34
N VAL B 26 -22.39 11.25 -4.32
CA VAL B 26 -21.74 11.70 -3.09
C VAL B 26 -22.74 12.10 -2.01
N THR B 27 -23.70 12.96 -2.37
CA THR B 27 -24.71 13.44 -1.43
C THR B 27 -24.14 14.35 -0.35
N GLY B 28 -23.19 13.82 0.42
CA GLY B 28 -22.57 14.57 1.50
C GLY B 28 -21.45 15.46 1.01
N ILE B 29 -20.76 16.10 1.95
CA ILE B 29 -19.69 17.02 1.63
C ILE B 29 -18.48 16.31 1.05
N PRO B 30 -17.93 16.84 -0.05
CA PRO B 30 -16.75 16.28 -0.71
C PRO B 30 -15.53 16.24 0.21
N THR B 31 -14.98 15.05 0.41
CA THR B 31 -13.81 14.87 1.24
C THR B 31 -12.63 15.65 0.71
N GLY B 32 -12.51 15.70 -0.61
CA GLY B 32 -11.35 16.29 -1.25
C GLY B 32 -10.57 15.18 -1.95
N PHE B 33 -11.02 13.96 -1.73
CA PHE B 33 -10.41 12.79 -2.37
C PHE B 33 -11.48 11.92 -3.02
N VAL B 34 -11.45 11.86 -4.35
CA VAL B 34 -12.36 11.04 -5.13
C VAL B 34 -12.59 9.68 -4.47
N GLN B 35 -11.49 8.96 -4.26
CA GLN B 35 -11.54 7.62 -3.68
C GLN B 35 -12.24 7.61 -2.33
N LEU B 36 -11.93 8.58 -1.47
CA LEU B 36 -12.51 8.63 -0.14
C LEU B 36 -13.96 9.06 -0.20
N ASP B 37 -14.28 9.88 -1.19
CA ASP B 37 -15.67 10.28 -1.43
C ASP B 37 -16.50 9.05 -1.72
N ASN B 38 -15.95 8.13 -2.51
CA ASN B 38 -16.67 6.93 -2.90
C ASN B 38 -16.93 5.99 -1.73
N TYR B 39 -15.91 5.78 -0.90
CA TYR B 39 -16.06 4.89 0.24
C TYR B 39 -17.14 5.38 1.20
N THR B 40 -17.21 6.68 1.40
CA THR B 40 -18.06 7.24 2.45
C THR B 40 -19.23 8.09 1.93
N SER B 41 -19.26 8.30 0.61
CA SER B 41 -20.25 9.19 0.01
C SER B 41 -20.19 10.56 0.66
N GLY B 42 -18.97 11.07 0.84
CA GLY B 42 -18.77 12.37 1.45
C GLY B 42 -19.17 12.41 2.90
N PHE B 43 -18.75 13.47 3.60
CA PHE B 43 -19.13 13.66 4.99
C PHE B 43 -20.60 14.04 5.07
N ASN B 44 -21.39 13.19 5.70
CA ASN B 44 -22.84 13.32 5.66
C ASN B 44 -23.52 13.87 6.91
N LYS B 45 -24.64 14.56 6.68
CA LYS B 45 -25.44 15.09 7.78
C LYS B 45 -25.77 13.99 8.78
N GLY B 46 -25.33 14.18 10.02
CA GLY B 46 -25.65 13.26 11.09
C GLY B 46 -24.64 12.16 11.32
N SER B 47 -23.47 12.26 10.68
CA SER B 47 -22.44 11.22 10.84
C SER B 47 -21.25 11.67 11.67
N LEU B 48 -20.60 10.71 12.31
CA LEU B 48 -19.39 10.97 13.08
C LEU B 48 -18.19 10.26 12.47
N VAL B 49 -17.28 11.04 11.89
CA VAL B 49 -16.08 10.51 11.29
C VAL B 49 -14.90 10.66 12.24
N ILE B 50 -14.31 9.55 12.64
CA ILE B 50 -13.05 9.61 13.38
C ILE B 50 -11.89 9.46 12.42
N ILE B 51 -10.99 10.43 12.44
CA ILE B 51 -9.76 10.33 11.68
C ILE B 51 -8.64 10.11 12.68
N GLY B 52 -8.14 8.88 12.72
CA GLY B 52 -7.09 8.50 13.66
C GLY B 52 -5.71 8.44 13.04
N ALA B 53 -4.72 8.89 13.80
CA ALA B 53 -3.34 8.90 13.32
C ALA B 53 -2.37 9.14 14.46
N ARG B 54 -1.15 8.66 14.29
CA ARG B 54 -0.08 8.94 15.23
C ARG B 54 0.53 10.28 14.85
N PRO B 55 1.49 10.77 15.64
CA PRO B 55 2.18 12.00 15.24
C PRO B 55 3.07 11.75 14.03
N SER B 56 3.43 12.81 13.31
CA SER B 56 4.24 12.71 12.11
C SER B 56 3.44 12.13 10.95
N MET B 57 2.12 12.25 11.03
CA MET B 57 1.23 11.71 10.01
C MET B 57 0.51 12.83 9.24
N GLY B 58 0.74 14.07 9.67
CA GLY B 58 0.20 15.22 8.97
C GLY B 58 -1.30 15.35 9.04
N LYS B 59 -1.89 14.79 10.09
CA LYS B 59 -3.34 14.76 10.27
C LYS B 59 -3.96 16.15 10.25
N THR B 60 -3.34 17.10 10.95
CA THR B 60 -3.90 18.45 11.06
C THR B 60 -3.90 19.15 9.71
N SER B 61 -2.88 18.89 8.91
CA SER B 61 -2.80 19.46 7.56
C SER B 61 -3.87 18.82 6.67
N LEU B 62 -4.07 17.53 6.85
CA LEU B 62 -5.12 16.81 6.13
C LEU B 62 -6.48 17.39 6.46
N MET B 63 -6.67 17.74 7.73
CA MET B 63 -7.93 18.31 8.18
C MET B 63 -8.19 19.65 7.53
N MET B 64 -7.17 20.50 7.53
CA MET B 64 -7.29 21.84 6.95
C MET B 64 -7.60 21.76 5.46
N ASN B 65 -6.97 20.82 4.77
CA ASN B 65 -7.28 20.55 3.37
C ASN B 65 -8.75 20.17 3.22
N MET B 66 -9.20 19.28 4.10
CA MET B 66 -10.59 18.87 4.15
C MET B 66 -11.48 20.07 4.43
N VAL B 67 -11.14 20.82 5.47
CA VAL B 67 -11.86 22.03 5.82
C VAL B 67 -11.95 22.93 4.59
N LEU B 68 -10.83 23.07 3.89
CA LEU B 68 -10.76 23.89 2.69
C LEU B 68 -11.76 23.42 1.63
N SER B 69 -11.85 22.11 1.43
CA SER B 69 -12.75 21.54 0.43
C SER B 69 -14.22 21.73 0.80
N ALA B 70 -14.56 21.47 2.06
CA ALA B 70 -15.92 21.57 2.55
C ALA B 70 -16.38 23.00 2.38
N LEU B 71 -15.42 23.90 2.62
CA LEU B 71 -15.70 25.31 2.69
C LEU B 71 -16.06 25.87 1.32
N ASN B 72 -15.38 25.40 0.26
CA ASN B 72 -15.67 25.86 -1.11
C ASN B 72 -17.15 25.83 -1.49
N ASP B 73 -17.82 24.72 -1.21
CA ASP B 73 -19.27 24.67 -1.24
C ASP B 73 -19.72 25.81 -0.34
N ASP B 74 -20.91 26.36 -0.56
CA ASP B 74 -21.39 27.44 0.33
C ASP B 74 -21.30 27.11 1.82
N ARG B 75 -20.96 25.87 2.12
CA ARG B 75 -21.01 25.37 3.49
C ARG B 75 -20.05 26.09 4.42
N GLY B 76 -20.53 26.39 5.63
CA GLY B 76 -19.73 27.06 6.63
C GLY B 76 -19.11 26.00 7.50
N VAL B 77 -17.82 26.11 7.76
CA VAL B 77 -17.11 25.08 8.49
C VAL B 77 -16.74 25.52 9.90
N ALA B 78 -17.04 24.69 10.90
CA ALA B 78 -16.61 24.94 12.26
C ALA B 78 -15.40 24.07 12.59
N VAL B 79 -14.29 24.70 12.94
CA VAL B 79 -13.07 23.97 13.27
C VAL B 79 -12.67 24.19 14.72
N PHE B 80 -12.43 23.10 15.44
CA PHE B 80 -12.01 23.18 16.84
C PHE B 80 -10.57 22.71 17.02
N SER B 81 -9.73 23.60 17.53
CA SER B 81 -8.36 23.24 17.88
C SER B 81 -8.18 23.17 19.39
N LEU B 82 -7.76 22.01 19.86
CA LEU B 82 -7.65 21.78 21.30
C LEU B 82 -6.22 21.82 21.83
N GLU B 83 -5.25 21.98 20.91
CA GLU B 83 -3.80 22.10 21.24
C GLU B 83 -3.10 23.15 20.37
N MET B 84 -3.86 23.83 19.49
CA MET B 84 -3.25 24.81 18.59
C MET B 84 -4.05 26.10 18.52
N SER B 85 -3.38 27.16 18.02
CA SER B 85 -4.04 28.42 17.74
C SER B 85 -4.71 28.39 16.38
N ALA B 86 -5.82 29.10 16.25
CA ALA B 86 -6.55 29.15 14.99
C ALA B 86 -5.62 29.69 13.91
N GLU B 87 -4.86 30.74 14.24
CA GLU B 87 -3.92 31.27 13.26
C GLU B 87 -3.15 30.11 12.65
N GLN B 88 -2.32 29.44 13.45
CA GLN B 88 -1.56 28.28 12.97
C GLN B 88 -2.30 27.44 11.93
N LEU B 89 -3.58 27.17 12.17
CA LEU B 89 -4.40 26.41 11.24
C LEU B 89 -4.63 27.18 9.94
N ALA B 90 -4.75 28.50 10.05
CA ALA B 90 -4.96 29.36 8.89
C ALA B 90 -3.72 29.45 8.00
N LEU B 91 -2.54 29.59 8.62
CA LEU B 91 -1.28 29.61 7.88
C LEU B 91 -1.18 28.35 7.03
N ARG B 92 -1.62 27.24 7.60
CA ARG B 92 -1.59 25.95 6.92
C ARG B 92 -2.52 25.97 5.71
N ALA B 93 -3.72 26.48 5.90
CA ALA B 93 -4.68 26.66 4.82
C ALA B 93 -4.09 27.56 3.73
N LEU B 94 -3.42 28.62 4.16
CA LEU B 94 -2.85 29.60 3.22
C LEU B 94 -1.73 28.98 2.39
N SER B 95 -0.86 28.21 3.04
CA SER B 95 0.24 27.53 2.37
C SER B 95 -0.28 26.62 1.26
N ASP B 96 -1.35 25.91 1.58
CA ASP B 96 -2.02 25.03 0.63
C ASP B 96 -2.60 25.84 -0.51
N LEU B 97 -3.14 27.00 -0.15
CA LEU B 97 -3.87 27.83 -1.09
C LEU B 97 -2.91 28.51 -2.08
N THR B 98 -1.74 28.90 -1.58
CA THR B 98 -0.79 29.65 -2.40
C THR B 98 0.41 28.82 -2.86
N SER B 99 0.37 27.52 -2.60
CA SER B 99 1.48 26.64 -2.94
C SER B 99 2.80 27.20 -2.40
N ILE B 100 2.72 27.87 -1.26
CA ILE B 100 3.90 28.40 -0.60
C ILE B 100 4.28 27.50 0.59
N ASN B 101 5.54 27.06 0.61
CA ASN B 101 6.03 26.22 1.69
C ASN B 101 5.66 26.78 3.06
N MET B 102 5.34 25.90 4.00
CA MET B 102 4.91 26.32 5.34
C MET B 102 6.02 27.04 6.12
N HIS B 103 7.22 26.47 6.11
CA HIS B 103 8.32 27.06 6.86
C HIS B 103 8.74 28.40 6.28
N ASP B 104 8.75 28.48 4.95
CA ASP B 104 9.03 29.74 4.27
C ASP B 104 7.92 30.73 4.59
N LEU B 105 6.70 30.20 4.65
CA LEU B 105 5.51 31.02 4.91
C LEU B 105 5.54 31.66 6.30
N GLU B 106 5.76 30.86 7.34
CA GLU B 106 5.75 31.38 8.70
C GLU B 106 6.98 32.23 9.03
N SER B 107 8.10 31.92 8.39
CA SER B 107 9.31 32.72 8.57
C SER B 107 9.11 34.08 7.92
N GLY B 108 8.40 34.09 6.80
CA GLY B 108 8.05 35.33 6.12
C GLY B 108 8.97 35.71 4.97
N ARG B 109 9.80 34.76 4.55
CA ARG B 109 10.75 35.01 3.45
C ARG B 109 10.09 34.78 2.09
N LEU B 110 9.35 35.78 1.61
CA LEU B 110 8.65 35.66 0.34
C LEU B 110 9.03 36.78 -0.62
N ASP B 111 9.27 36.43 -1.88
CA ASP B 111 9.56 37.44 -2.89
C ASP B 111 8.31 38.24 -3.21
N ASP B 112 8.48 39.37 -3.88
CA ASP B 112 7.34 40.25 -4.19
C ASP B 112 6.16 39.47 -4.77
N ASP B 113 6.45 38.47 -5.60
CA ASP B 113 5.41 37.66 -6.21
C ASP B 113 4.69 36.78 -5.18
N GLN B 114 5.45 36.15 -4.30
CA GLN B 114 4.88 35.30 -3.26
C GLN B 114 3.89 36.06 -2.39
N TRP B 115 4.33 37.21 -1.88
CA TRP B 115 3.47 38.04 -1.05
C TRP B 115 2.20 38.45 -1.80
N GLU B 116 2.36 38.81 -3.06
CA GLU B 116 1.25 39.22 -3.90
C GLU B 116 0.24 38.08 -4.07
N ASN B 117 0.77 36.89 -4.34
CA ASN B 117 -0.06 35.69 -4.48
C ASN B 117 -0.77 35.34 -3.17
N LEU B 118 -0.06 35.50 -2.06
CA LEU B 118 -0.61 35.18 -0.74
C LEU B 118 -1.73 36.14 -0.33
N ALA B 119 -1.53 37.42 -0.62
CA ALA B 119 -2.51 38.45 -0.28
C ALA B 119 -3.90 38.18 -0.87
N LYS B 120 -3.94 37.71 -2.11
CA LYS B 120 -5.20 37.38 -2.76
C LYS B 120 -5.91 36.24 -2.04
N CYS B 121 -5.13 35.23 -1.67
CA CYS B 121 -5.67 34.09 -0.91
C CYS B 121 -6.13 34.54 0.47
N PHE B 122 -5.38 35.43 1.09
CA PHE B 122 -5.77 36.04 2.35
C PHE B 122 -7.18 36.63 2.20
N ASP B 123 -7.33 37.50 1.21
CA ASP B 123 -8.63 38.10 0.91
C ASP B 123 -9.68 37.03 0.66
N HIS B 124 -9.30 36.01 -0.10
CA HIS B 124 -10.20 34.95 -0.47
C HIS B 124 -10.69 34.19 0.76
N LEU B 125 -9.78 33.87 1.65
CA LEU B 125 -10.12 33.11 2.85
C LEU B 125 -11.00 33.93 3.79
N SER B 126 -10.77 35.25 3.82
CA SER B 126 -11.56 36.14 4.65
C SER B 126 -13.03 36.05 4.29
N GLN B 127 -13.31 35.86 3.00
CA GLN B 127 -14.68 35.78 2.52
C GLN B 127 -15.38 34.52 2.97
N LYS B 128 -14.59 33.49 3.29
CA LYS B 128 -15.16 32.19 3.58
C LYS B 128 -15.83 32.15 4.95
N LYS B 129 -16.71 31.17 5.14
CA LYS B 129 -17.59 31.15 6.30
C LYS B 129 -17.02 30.32 7.45
N LEU B 130 -15.78 29.85 7.28
CA LEU B 130 -15.13 29.09 8.32
C LEU B 130 -15.20 29.81 9.66
N PHE B 131 -15.62 29.09 10.70
CA PHE B 131 -15.68 29.65 12.04
C PHE B 131 -14.71 28.93 12.96
N PHE B 132 -13.82 29.69 13.57
CA PHE B 132 -12.75 29.11 14.36
C PHE B 132 -12.96 29.13 15.86
N TYR B 133 -12.44 28.08 16.49
CA TYR B 133 -12.48 27.92 17.93
C TYR B 133 -11.06 27.63 18.42
N ASP B 134 -10.54 28.52 19.25
CA ASP B 134 -9.21 28.33 19.80
C ASP B 134 -9.27 28.36 21.34
N LYS B 135 -9.89 27.33 21.91
CA LYS B 135 -9.90 27.17 23.37
C LYS B 135 -9.06 25.97 23.76
N SER B 136 -7.95 26.22 24.45
CA SER B 136 -7.11 25.15 24.96
C SER B 136 -7.96 24.20 25.78
N TYR B 137 -8.86 24.80 26.57
CA TYR B 137 -9.78 24.05 27.41
C TYR B 137 -10.73 23.20 26.59
N VAL B 138 -10.86 21.93 26.95
CA VAL B 138 -11.71 21.01 26.23
C VAL B 138 -12.69 20.30 27.16
N ARG B 139 -13.97 20.42 26.82
CA ARG B 139 -15.03 19.74 27.57
C ARG B 139 -15.97 19.11 26.56
N ILE B 140 -16.23 17.81 26.71
CA ILE B 140 -17.13 17.10 25.81
C ILE B 140 -18.42 17.88 25.65
N GLU B 141 -18.90 18.41 26.77
CA GLU B 141 -20.18 19.09 26.81
C GLU B 141 -20.02 20.59 26.58
N GLN B 142 -18.80 21.09 26.70
CA GLN B 142 -18.56 22.49 26.41
C GLN B 142 -18.65 22.72 24.91
N ILE B 143 -18.06 21.82 24.13
CA ILE B 143 -18.16 21.89 22.68
C ILE B 143 -19.62 21.76 22.27
N ARG B 144 -20.36 21.01 23.07
CA ARG B 144 -21.78 20.75 22.84
C ARG B 144 -22.59 22.03 22.89
N LEU B 145 -22.43 22.79 23.96
CA LEU B 145 -23.15 24.05 24.12
C LEU B 145 -22.70 25.05 23.05
N GLN B 146 -21.40 25.10 22.79
CA GLN B 146 -20.85 26.07 21.84
C GLN B 146 -21.29 25.78 20.42
N LEU B 147 -21.38 24.50 20.08
CA LEU B 147 -21.80 24.09 18.74
C LEU B 147 -23.21 24.57 18.42
N ARG B 148 -24.10 24.48 19.41
CA ARG B 148 -25.51 24.78 19.19
C ARG B 148 -25.74 26.24 18.79
N LYS B 149 -25.09 27.15 19.49
CA LYS B 149 -25.30 28.56 19.22
C LYS B 149 -24.89 28.91 17.81
N LEU B 150 -23.77 28.35 17.37
CA LEU B 150 -23.28 28.61 16.02
C LEU B 150 -24.26 28.11 14.98
N LYS B 151 -24.84 26.94 15.22
CA LYS B 151 -25.77 26.38 14.27
C LYS B 151 -26.96 27.31 14.14
N SER B 152 -27.41 27.81 15.29
CA SER B 152 -28.50 28.77 15.34
C SER B 152 -28.06 30.04 14.65
N GLN B 153 -26.79 30.38 14.84
CA GLN B 153 -26.25 31.62 14.32
C GLN B 153 -26.21 31.59 12.79
N HIS B 154 -25.81 30.45 12.24
CA HIS B 154 -25.66 30.31 10.80
C HIS B 154 -26.27 29.02 10.24
N LYS B 155 -27.20 29.17 9.32
CA LYS B 155 -27.82 28.03 8.64
C LYS B 155 -26.91 27.53 7.54
N GLU B 156 -25.80 28.25 7.31
CA GLU B 156 -24.85 27.89 6.27
C GLU B 156 -23.78 26.93 6.79
N LEU B 157 -23.77 26.69 8.10
CA LEU B 157 -22.83 25.75 8.70
C LEU B 157 -22.94 24.37 8.07
N GLY B 158 -21.79 23.81 7.70
CA GLY B 158 -21.74 22.52 7.04
C GLY B 158 -21.26 21.42 7.96
N ILE B 159 -20.11 21.63 8.61
CA ILE B 159 -19.56 20.60 9.49
C ILE B 159 -18.74 21.16 10.64
N ALA B 160 -18.47 20.31 11.63
CA ALA B 160 -17.53 20.66 12.68
C ALA B 160 -16.36 19.68 12.73
N PHE B 161 -15.15 20.23 12.80
CA PHE B 161 -13.93 19.43 12.92
C PHE B 161 -13.34 19.57 14.32
N ILE B 162 -13.04 18.43 14.94
CA ILE B 162 -12.34 18.43 16.24
C ILE B 162 -10.91 17.90 16.08
N ASP B 163 -9.94 18.67 16.58
CA ASP B 163 -8.52 18.33 16.47
C ASP B 163 -7.77 18.82 17.70
N TYR B 164 -7.39 17.91 18.60
CA TYR B 164 -7.65 16.48 18.45
C TYR B 164 -7.89 15.86 19.82
N LEU B 165 -8.45 14.67 19.82
CA LEU B 165 -8.78 13.98 21.06
C LEU B 165 -7.67 13.01 21.45
N GLN B 166 -7.10 13.21 22.63
CA GLN B 166 -6.03 12.35 23.11
C GLN B 166 -6.59 10.99 23.51
N LEU B 167 -5.69 10.03 23.74
CA LEU B 167 -6.07 8.72 24.25
C LEU B 167 -5.29 8.43 25.53
N GLN B 180 -12.61 8.25 28.59
CA GLN B 180 -13.98 8.44 28.14
C GLN B 180 -14.06 8.62 26.63
N ILE B 181 -13.16 7.95 25.90
CA ILE B 181 -13.17 8.04 24.45
C ILE B 181 -14.41 7.35 23.88
N ALA B 182 -14.80 6.21 24.48
CA ALA B 182 -16.03 5.56 24.09
C ALA B 182 -17.20 6.48 24.44
N GLU B 183 -17.07 7.18 25.57
CA GLU B 183 -18.09 8.11 26.03
C GLU B 183 -18.10 9.38 25.16
N ILE B 184 -16.93 10.00 25.01
CA ILE B 184 -16.79 11.20 24.20
C ILE B 184 -17.30 10.98 22.78
N SER B 185 -16.87 9.89 22.15
CA SER B 185 -17.36 9.54 20.82
C SER B 185 -18.89 9.40 20.84
N ARG B 186 -19.41 8.83 21.92
CA ARG B 186 -20.84 8.64 22.08
C ARG B 186 -21.59 9.95 22.07
N GLU B 187 -21.11 10.88 22.88
CA GLU B 187 -21.76 12.18 23.02
C GLU B 187 -21.73 12.93 21.70
N LEU B 188 -20.65 12.77 20.95
CA LEU B 188 -20.53 13.44 19.66
C LEU B 188 -21.55 12.92 18.65
N LYS B 189 -21.83 11.62 18.70
CA LYS B 189 -22.76 11.01 17.74
C LYS B 189 -24.18 11.50 17.94
N THR B 190 -24.65 11.50 19.19
CA THR B 190 -25.96 12.01 19.51
C THR B 190 -26.03 13.50 19.13
N LEU B 191 -24.94 14.22 19.41
CA LEU B 191 -24.87 15.63 19.06
C LEU B 191 -24.92 15.83 17.55
N ALA B 192 -24.14 15.03 16.82
CA ALA B 192 -24.09 15.13 15.36
C ALA B 192 -25.45 14.90 14.73
N ARG B 193 -26.16 13.88 15.22
CA ARG B 193 -27.52 13.60 14.74
C ARG B 193 -28.45 14.76 15.02
N GLU B 194 -28.41 15.25 16.25
CA GLU B 194 -29.23 16.41 16.63
C GLU B 194 -28.88 17.63 15.78
N LEU B 195 -27.60 17.89 15.59
CA LEU B 195 -27.15 19.08 14.89
C LEU B 195 -27.51 19.09 13.41
N GLU B 196 -27.61 17.89 12.82
CA GLU B 196 -27.89 17.72 11.39
C GLU B 196 -26.64 17.89 10.54
N ILE B 197 -25.48 17.99 11.18
CA ILE B 197 -24.23 18.12 10.45
C ILE B 197 -23.25 17.01 10.84
N PRO B 198 -22.32 16.67 9.93
CA PRO B 198 -21.26 15.70 10.24
C PRO B 198 -20.20 16.27 11.18
N ILE B 199 -19.64 15.41 12.02
CA ILE B 199 -18.55 15.79 12.91
C ILE B 199 -17.30 14.96 12.62
N ILE B 200 -16.24 15.62 12.17
CA ILE B 200 -14.97 14.94 11.97
C ILE B 200 -14.10 15.14 13.21
N ALA B 201 -13.76 14.03 13.87
CA ALA B 201 -13.00 14.09 15.11
C ALA B 201 -11.63 13.43 15.00
N LEU B 202 -10.62 14.22 14.66
CA LEU B 202 -9.24 13.75 14.71
C LEU B 202 -8.94 13.17 16.08
N VAL B 203 -8.19 12.08 16.11
CA VAL B 203 -7.77 11.45 17.35
C VAL B 203 -6.32 11.02 17.25
N GLN B 204 -5.56 11.18 18.33
CA GLN B 204 -4.18 10.73 18.35
C GLN B 204 -4.05 9.32 18.92
N LEU B 205 -3.50 8.43 18.11
CA LEU B 205 -3.34 7.03 18.49
C LEU B 205 -2.22 6.87 19.51
N ASN B 206 -2.29 5.82 20.31
CA ASN B 206 -1.30 5.61 21.36
C ASN B 206 0.05 5.18 20.79
N ARG B 207 1.11 5.50 21.52
CA ARG B 207 2.46 5.10 21.12
C ARG B 207 2.63 3.60 21.23
N SER B 208 1.76 2.99 22.03
CA SER B 208 1.84 1.57 22.39
C SER B 208 1.77 0.72 21.14
N LEU B 209 0.97 1.16 20.19
CA LEU B 209 0.80 0.43 18.95
C LEU B 209 2.11 0.27 18.22
N GLU B 210 2.94 1.31 18.23
CA GLU B 210 4.20 1.25 17.51
C GLU B 210 4.80 -0.13 17.68
N ASN B 211 4.67 -0.69 18.88
CA ASN B 211 5.30 -1.96 19.23
C ASN B 211 4.86 -3.12 18.35
N ARG B 212 3.60 -3.10 17.94
CA ARG B 212 3.06 -4.13 17.05
C ARG B 212 3.93 -4.30 15.80
N ASP B 213 4.07 -5.53 15.33
CA ASP B 213 4.81 -5.81 14.09
C ASP B 213 4.31 -4.93 12.93
N ASP B 214 2.98 -4.91 12.73
CA ASP B 214 2.38 -4.08 11.69
C ASP B 214 1.97 -2.72 12.27
N LYS B 215 2.63 -1.66 11.82
CA LYS B 215 2.46 -0.33 12.39
C LYS B 215 1.12 0.33 12.06
N ARG B 216 0.58 0.04 10.89
CA ARG B 216 -0.66 0.68 10.46
C ARG B 216 -1.83 0.36 11.41
N PRO B 217 -2.53 1.42 11.83
CA PRO B 217 -3.50 1.45 12.94
C PRO B 217 -4.63 0.44 12.86
N ILE B 218 -5.14 0.07 14.03
CA ILE B 218 -6.27 -0.83 14.16
C ILE B 218 -7.36 -0.18 15.02
N LEU B 219 -8.60 -0.61 14.85
CA LEU B 219 -9.71 -0.11 15.65
C LEU B 219 -9.49 -0.28 17.15
N SER B 220 -8.79 -1.34 17.54
CA SER B 220 -8.42 -1.56 18.93
C SER B 220 -7.55 -0.41 19.46
N ASP B 221 -6.69 0.12 18.61
CA ASP B 221 -5.82 1.24 18.99
C ASP B 221 -6.66 2.42 19.45
N ILE B 222 -7.89 2.48 18.95
CA ILE B 222 -8.85 3.49 19.37
C ILE B 222 -9.20 3.33 20.85
N LYS B 223 -9.24 2.08 21.29
CA LYS B 223 -9.62 1.75 22.66
C LYS B 223 -8.83 2.51 23.73
N ASP B 224 -9.54 2.94 24.76
CA ASP B 224 -8.96 3.51 25.98
C ASP B 224 -9.46 2.64 27.12
N SER B 225 -8.69 2.55 28.20
CA SER B 225 -9.09 1.74 29.36
C SER B 225 -10.56 2.00 29.74
N GLY B 226 -11.36 0.94 29.79
CA GLY B 226 -12.77 1.06 30.09
C GLY B 226 -13.59 1.66 28.95
N GLY B 227 -12.90 2.08 27.89
CA GLY B 227 -13.56 2.66 26.74
C GLY B 227 -13.11 2.10 25.41
N ILE B 228 -14.04 1.50 24.69
CA ILE B 228 -13.79 1.05 23.32
C ILE B 228 -14.79 1.78 22.42
N GLU B 229 -14.30 2.45 21.39
CA GLU B 229 -15.17 3.28 20.56
C GLU B 229 -16.11 2.46 19.66
N GLN B 230 -17.39 2.83 19.67
CA GLN B 230 -18.38 2.20 18.79
C GLN B 230 -19.19 3.22 18.00
N ASP B 231 -19.43 4.38 18.59
CA ASP B 231 -20.41 5.33 18.05
C ASP B 231 -20.08 5.97 16.69
N ALA B 232 -18.80 6.14 16.39
CA ALA B 232 -18.41 6.64 15.07
C ALA B 232 -19.01 5.78 13.97
N ASP B 233 -19.55 6.43 12.94
CA ASP B 233 -20.09 5.74 11.78
C ASP B 233 -18.92 5.29 10.91
N ILE B 234 -17.88 6.12 10.90
CA ILE B 234 -16.75 5.90 10.02
C ILE B 234 -15.44 6.14 10.76
N VAL B 235 -14.46 5.29 10.48
CA VAL B 235 -13.12 5.45 11.04
C VAL B 235 -12.08 5.47 9.93
N LEU B 236 -11.28 6.53 9.90
CA LEU B 236 -10.20 6.66 8.93
C LEU B 236 -8.86 6.69 9.66
N PHE B 237 -7.90 5.92 9.15
CA PHE B 237 -6.56 5.92 9.72
C PHE B 237 -5.57 6.55 8.76
N LEU B 238 -4.66 7.35 9.30
CA LEU B 238 -3.60 7.93 8.51
C LEU B 238 -2.32 7.12 8.69
N TYR B 239 -1.73 6.72 7.57
CA TYR B 239 -0.54 5.87 7.63
C TYR B 239 0.51 6.24 6.58
N ARG B 240 1.71 6.56 7.04
CA ARG B 240 2.85 6.82 6.18
C ARG B 240 3.87 5.71 6.38
N GLY B 241 3.90 4.77 5.45
CA GLY B 241 4.85 3.67 5.52
C GLY B 241 6.27 4.18 5.51
N TYR B 242 6.50 5.29 4.82
CA TYR B 242 7.84 5.81 4.61
C TYR B 242 8.49 6.26 5.91
N ILE B 243 7.66 6.71 6.84
CA ILE B 243 8.17 7.15 8.13
C ILE B 243 8.64 5.95 8.94
N TYR B 244 7.89 4.87 8.88
CA TYR B 244 8.26 3.66 9.60
C TYR B 244 9.40 2.91 8.92
N GLN B 245 9.51 3.10 7.60
CA GLN B 245 10.60 2.52 6.83
C GLN B 245 11.90 3.18 7.25
N MET B 246 11.85 4.48 7.44
CA MET B 246 13.02 5.24 7.86
C MET B 246 13.47 4.85 9.26
N ARG B 247 12.49 4.61 10.13
CA ARG B 247 12.81 4.22 11.50
C ARG B 247 13.42 2.82 11.54
N ALA B 248 12.88 1.92 10.72
CA ALA B 248 13.39 0.56 10.67
C ALA B 248 14.78 0.53 10.04
N GLU B 249 14.98 1.34 9.01
CA GLU B 249 16.30 1.50 8.40
C GLU B 249 17.34 1.90 9.46
N ASP B 250 17.00 2.89 10.28
CA ASP B 250 17.89 3.34 11.34
C ASP B 250 18.18 2.24 12.36
N ASN B 251 17.14 1.52 12.76
CA ASN B 251 17.27 0.45 13.73
C ASN B 251 18.12 -0.69 13.23
N LYS B 252 17.95 -1.04 11.96
CA LYS B 252 18.70 -2.11 11.34
C LYS B 252 20.18 -1.77 11.30
N ILE B 253 20.50 -0.52 10.97
CA ILE B 253 21.88 -0.07 10.92
C ILE B 253 22.48 -0.18 12.31
N ASP B 254 21.69 0.20 13.30
CA ASP B 254 22.11 0.15 14.69
C ASP B 254 22.28 -1.28 15.19
N LYS B 255 21.34 -2.15 14.85
CA LYS B 255 21.43 -3.57 15.19
C LYS B 255 22.72 -4.17 14.61
N LEU B 256 22.93 -4.01 13.31
CA LEU B 256 24.14 -4.50 12.65
C LEU B 256 25.40 -4.00 13.36
N LYS B 257 25.41 -2.72 13.71
CA LYS B 257 26.53 -2.10 14.42
C LYS B 257 26.79 -2.87 15.70
N LYS B 258 25.71 -3.10 16.45
CA LYS B 258 25.76 -3.77 17.73
C LYS B 258 26.19 -5.23 17.61
N GLU B 259 25.88 -5.86 16.49
CA GLU B 259 26.27 -7.26 16.28
C GLU B 259 27.73 -7.38 15.88
N GLY B 260 28.37 -6.25 15.69
CA GLY B 260 29.77 -6.23 15.29
C GLY B 260 29.90 -6.42 13.80
N LYS B 261 28.79 -6.32 13.09
CA LYS B 261 28.82 -6.42 11.64
C LYS B 261 28.99 -5.02 11.06
N ILE B 262 30.23 -4.55 11.15
CA ILE B 262 30.58 -3.16 10.88
C ILE B 262 30.45 -2.75 9.42
N GLU B 263 30.85 -3.63 8.52
CA GLU B 263 30.84 -3.32 7.09
C GLU B 263 29.43 -3.37 6.51
N GLU B 264 28.61 -4.29 7.02
CA GLU B 264 27.22 -4.40 6.58
C GLU B 264 26.45 -3.16 7.01
N ALA B 265 26.67 -2.73 8.25
CA ALA B 265 26.03 -1.54 8.77
C ALA B 265 26.47 -0.33 7.97
N GLN B 266 27.75 -0.30 7.63
CA GLN B 266 28.33 0.77 6.84
C GLN B 266 27.70 0.85 5.46
N GLU B 267 27.59 -0.30 4.79
CA GLU B 267 26.97 -0.35 3.47
C GLU B 267 25.53 0.15 3.52
N LEU B 268 24.74 -0.40 4.45
CA LEU B 268 23.34 -0.02 4.57
C LEU B 268 23.19 1.47 4.83
N TYR B 269 24.01 1.99 5.72
CA TYR B 269 24.02 3.42 6.01
C TYR B 269 24.26 4.25 4.75
N LEU B 270 25.31 3.93 4.00
CA LEU B 270 25.60 4.63 2.75
C LEU B 270 24.46 4.50 1.75
N LYS B 271 23.97 3.27 1.57
CA LYS B 271 22.87 3.03 0.66
C LYS B 271 21.66 3.86 1.06
N VAL B 272 21.29 3.79 2.33
CA VAL B 272 20.13 4.51 2.83
C VAL B 272 20.23 6.02 2.63
N ASN B 273 21.41 6.57 2.87
CA ASN B 273 21.62 8.00 2.70
C ASN B 273 21.53 8.46 1.25
N GLU B 274 22.02 7.64 0.34
CA GLU B 274 21.93 7.96 -1.09
C GLU B 274 20.48 8.01 -1.52
N GLU B 275 19.70 7.03 -1.09
CA GLU B 275 18.29 6.94 -1.43
C GLU B 275 17.51 8.14 -0.90
N ARG B 276 17.79 8.54 0.33
CA ARG B 276 17.15 9.71 0.91
C ARG B 276 17.52 10.98 0.16
N ARG B 277 18.74 11.03 -0.35
CA ARG B 277 19.20 12.17 -1.12
C ARG B 277 18.38 12.27 -2.40
N ILE B 278 18.34 11.17 -3.14
CA ILE B 278 17.53 11.07 -4.33
C ILE B 278 16.06 11.40 -4.02
N HIS B 279 15.61 10.94 -2.86
CA HIS B 279 14.24 11.15 -2.43
C HIS B 279 13.95 12.64 -2.29
N LYS B 280 14.86 13.35 -1.64
CA LYS B 280 14.70 14.78 -1.42
C LYS B 280 14.77 15.55 -2.74
N GLN B 281 15.73 15.18 -3.58
CA GLN B 281 15.91 15.89 -4.84
C GLN B 281 14.82 15.54 -5.83
N ASN B 282 13.93 14.64 -5.44
CA ASN B 282 12.75 14.34 -6.25
C ASN B 282 11.48 14.91 -5.63
N GLY B 283 11.66 15.77 -4.63
CA GLY B 283 10.54 16.49 -4.05
C GLY B 283 10.02 15.94 -2.73
N SER B 284 10.66 14.87 -2.24
CA SER B 284 10.22 14.21 -1.02
C SER B 284 8.76 13.78 -1.12
N ILE B 285 8.40 13.17 -2.24
CA ILE B 285 7.05 12.66 -2.45
C ILE B 285 7.00 11.20 -2.04
N GLU B 286 6.12 10.87 -1.10
CA GLU B 286 5.99 9.50 -0.64
C GLU B 286 4.57 9.00 -0.84
N GLU B 287 4.42 7.69 -1.04
CA GLU B 287 3.10 7.09 -1.08
C GLU B 287 2.63 6.78 0.33
N ALA B 288 1.39 7.12 0.64
CA ALA B 288 0.85 6.91 1.96
C ALA B 288 -0.56 6.29 1.90
N GLU B 289 -1.12 5.96 3.07
CA GLU B 289 -2.42 5.32 3.13
C GLU B 289 -3.38 6.04 4.06
N ILE B 290 -4.59 6.28 3.56
CA ILE B 290 -5.73 6.62 4.40
C ILE B 290 -6.61 5.37 4.50
N ILE B 291 -6.58 4.72 5.66
CA ILE B 291 -7.26 3.45 5.85
C ILE B 291 -8.71 3.61 6.33
N VAL B 292 -9.66 3.11 5.54
CA VAL B 292 -11.06 3.07 5.95
C VAL B 292 -11.27 1.82 6.81
N ALA B 293 -11.08 1.96 8.12
CA ALA B 293 -11.13 0.82 9.02
C ALA B 293 -12.55 0.47 9.47
N LYS B 294 -13.45 1.44 9.39
CA LYS B 294 -14.83 1.22 9.76
C LYS B 294 -15.79 2.03 8.89
N ASN B 295 -16.73 1.35 8.28
CA ASN B 295 -17.74 1.99 7.47
C ASN B 295 -19.09 1.29 7.70
N ARG B 296 -20.13 2.07 7.91
CA ARG B 296 -21.46 1.51 8.12
C ARG B 296 -22.25 1.61 6.82
N ASN B 297 -22.83 0.49 6.41
CA ASN B 297 -23.53 0.43 5.14
C ASN B 297 -22.56 0.62 3.98
N GLY B 298 -21.27 0.53 4.29
CA GLY B 298 -20.23 0.71 3.30
C GLY B 298 -19.07 -0.24 3.52
N ALA B 299 -18.31 -0.50 2.46
CA ALA B 299 -17.19 -1.43 2.53
C ALA B 299 -15.97 -0.80 3.18
N THR B 300 -15.18 -1.61 3.87
CA THR B 300 -13.92 -1.15 4.43
C THR B 300 -12.85 -1.21 3.34
N GLY B 301 -11.67 -0.67 3.63
CA GLY B 301 -10.59 -0.72 2.67
C GLY B 301 -9.45 0.26 2.91
N THR B 302 -8.77 0.63 1.83
CA THR B 302 -7.64 1.55 1.93
C THR B 302 -7.57 2.44 0.72
N VAL B 303 -7.08 3.66 0.92
CA VAL B 303 -6.89 4.60 -0.18
C VAL B 303 -5.41 4.90 -0.28
N TYR B 304 -4.82 4.66 -1.45
CA TYR B 304 -3.41 4.97 -1.61
C TYR B 304 -3.24 6.40 -2.11
N THR B 305 -2.60 7.22 -1.28
CA THR B 305 -2.47 8.64 -1.51
C THR B 305 -1.03 9.01 -1.77
N ARG B 306 -0.80 10.00 -2.62
CA ARG B 306 0.49 10.66 -2.68
C ARG B 306 0.60 11.47 -1.40
N PHE B 307 1.81 11.90 -1.08
CA PHE B 307 2.00 12.77 0.08
C PHE B 307 3.16 13.72 -0.17
N ASN B 308 2.83 15.00 -0.32
CA ASN B 308 3.84 16.04 -0.52
C ASN B 308 4.37 16.48 0.82
N ALA B 309 5.54 15.94 1.20
CA ALA B 309 6.11 16.20 2.52
C ALA B 309 6.37 17.68 2.80
N PRO B 310 7.05 18.38 1.88
CA PRO B 310 7.34 19.81 2.07
C PRO B 310 6.09 20.64 2.38
N PHE B 311 5.01 20.39 1.64
CA PHE B 311 3.77 21.12 1.86
C PHE B 311 2.82 20.35 2.78
N THR B 312 3.31 19.24 3.34
CA THR B 312 2.51 18.34 4.16
C THR B 312 1.09 18.19 3.59
N ARG B 313 0.99 17.47 2.48
CA ARG B 313 -0.28 17.42 1.75
C ARG B 313 -0.55 16.06 1.14
N TYR B 314 -1.72 15.50 1.46
CA TYR B 314 -2.18 14.28 0.81
C TYR B 314 -2.75 14.63 -0.56
N GLU B 315 -2.51 13.79 -1.56
CA GLU B 315 -2.96 14.07 -2.92
C GLU B 315 -3.56 12.83 -3.58
N ASP B 316 -4.43 13.04 -4.56
CA ASP B 316 -5.07 11.93 -5.24
C ASP B 316 -4.05 11.08 -6.01
N MET B 317 -4.51 9.97 -6.58
CA MET B 317 -3.63 9.04 -7.28
C MET B 317 -4.02 9.00 -8.78
N PRO B 318 -3.52 8.00 -9.56
CA PRO B 318 -3.78 8.12 -11.00
C PRO B 318 -4.94 7.27 -11.50
N ILE B 319 -5.44 6.35 -10.68
CA ILE B 319 -6.50 5.41 -11.08
C ILE B 319 -6.97 5.60 -12.51
CAC FLC C . -2.08 -18.38 -7.81
CA FLC C . -1.82 -19.30 -8.96
CB FLC C . -0.73 -18.92 -9.91
CBC FLC C . -0.49 -20.04 -10.86
CG FLC C . -1.15 -17.69 -10.65
CGC FLC C . -0.25 -17.16 -11.72
OA1 FLC C . -1.42 -18.51 -6.75
OA2 FLC C . -2.94 -17.47 -7.92
OB1 FLC C . 0.53 -20.77 -10.72
OB2 FLC C . -1.37 -20.29 -11.74
OG1 FLC C . 0.41 -16.11 -11.54
OG2 FLC C . -0.20 -17.74 -12.84
OHB FLC C . 0.42 -18.64 -9.19
CAC FLC D . 1.27 15.76 14.07
CA FLC D . 1.11 17.22 14.30
CB FLC D . 0.22 17.96 13.35
CBC FLC D . -0.25 19.22 14.01
CG FLC D . 0.98 18.26 12.11
CGC FLC D . 0.22 18.63 10.88
OA1 FLC D . 0.30 14.98 14.28
OA2 FLC D . 2.37 15.30 13.67
OB1 FLC D . -1.30 19.23 14.70
OB2 FLC D . 0.50 20.23 14.01
OG1 FLC D . 0.21 17.87 9.87
OG2 FLC D . -0.45 19.69 10.84
OHB FLC D . -0.86 17.16 13.06
CAC FLC E . 22.81 -11.96 10.12
CA FLC E . 22.45 -10.53 9.83
CB FLC E . 21.52 -9.80 10.74
CBC FLC E . 20.26 -10.59 10.85
CG FLC E . 21.19 -8.46 10.18
CGC FLC E . 19.96 -8.31 9.36
OA1 FLC E . 21.95 -12.76 10.56
OA2 FLC E . 24.00 -12.36 9.99
OB1 FLC E . 19.79 -11.17 9.83
OB2 FLC E . 19.66 -10.68 11.97
OG1 FLC E . 20.08 -8.24 8.12
OG2 FLC E . 18.82 -8.52 9.85
OHB FLC E . 22.06 -9.65 11.98
#